data_5YYM
#
_entry.id   5YYM
#
_cell.length_a   49.727
_cell.length_b   244.510
_cell.length_c   52.460
_cell.angle_alpha   90.00
_cell.angle_beta   90.69
_cell.angle_gamma   90.00
#
_symmetry.space_group_name_H-M   'P 1 21 1'
#
loop_
_entity.id
_entity.type
_entity.pdbx_description
1 polymer 'Arginine--tRNA ligase'
2 non-polymer ARGININE
3 water water
#
_entity_poly.entity_id   1
_entity_poly.type   'polypeptide(L)'
_entity_poly.pdbx_seq_one_letter_code
;HHHHHHGGAMNIQALLSEKVRQAMIAAGAPADCEPQVRQSAKVQFGDYQANGMMAVAKKLGMAPRQLAEQVLTHLDLNGI
ASKVEIAGPGFINIFLDPAFLAEHVQQALASDRLGVATPEKQTIVVDYSAPNVAKEMHVGHLRSTIIGDAAVRTLEFLGH
KVIRANHVGDWGTQFGMLIAWLEKQQQENAGEMELADLEGFYRDAKKHYDEDEEFAERARNYVVKLQSGDEYFREMWRKL
VDITMTQNQITYDRLNVTLTRDDVMGESLYNPMLPGIVADLKAKGLAVESEGATVVFLDEFKNKEGEPMGVIIQKKDGGY
LYTTTDIACAKYRYETLHADRVLYYIDSRQHQHLMQAWAIVRKAGYVPESVPLEHHMFGMMLGKDGKPFKTRAGGTVKLA
DLLDEALERARRLVAEKNPDMPADELEKLANAVGIGAVKYADLSKNRTTDYIFDWDNMLAFEGNTAPYMQYAYTRVLSVF
RKAEIDEEQLAAAPVIIREDREAQLAARLLQFEETLTVVAREGTPHVMCAYLYDLAGLFSGFYEHCPILSAENEEVRNSR
LKLAQLTAKTLKLGLDTLGIETVERM
;
_entity_poly.pdbx_strand_id   A,B
#
# COMPACT_ATOMS: atom_id res chain seq x y z
N HIS A 2 17.52 -2.09 -18.24
CA HIS A 2 18.07 -0.78 -18.55
C HIS A 2 18.51 -0.02 -17.29
N HIS A 3 17.94 1.17 -17.09
CA HIS A 3 18.28 1.98 -15.92
C HIS A 3 17.26 1.84 -14.80
N HIS A 4 17.74 1.93 -13.57
CA HIS A 4 16.94 1.63 -12.40
C HIS A 4 16.88 2.77 -11.38
N HIS A 5 15.88 2.73 -10.51
CA HIS A 5 15.72 3.73 -9.46
C HIS A 5 16.75 3.53 -8.36
N HIS A 6 17.21 4.63 -7.76
CA HIS A 6 18.18 4.54 -6.68
C HIS A 6 17.65 5.22 -5.42
N GLY A 7 17.87 4.57 -4.28
CA GLY A 7 17.40 5.08 -3.00
C GLY A 7 15.95 4.73 -2.73
N GLY A 8 15.32 5.50 -1.85
CA GLY A 8 13.95 5.23 -1.45
C GLY A 8 12.91 6.14 -2.08
N ALA A 9 11.91 6.52 -1.28
CA ALA A 9 10.79 7.31 -1.78
C ALA A 9 11.18 8.73 -2.17
N MET A 10 10.83 9.12 -3.39
CA MET A 10 11.05 10.48 -3.89
C MET A 10 9.71 11.09 -4.25
N ASN A 11 9.60 12.41 -4.13
CA ASN A 11 8.43 13.12 -4.66
C ASN A 11 8.46 13.11 -6.17
N ILE A 12 7.39 13.58 -6.80
CA ILE A 12 7.25 13.52 -8.25
C ILE A 12 8.35 14.28 -8.98
N GLN A 13 8.63 15.50 -8.53
CA GLN A 13 9.66 16.33 -9.14
C GLN A 13 11.03 15.68 -9.06
N ALA A 14 11.32 15.05 -7.92
CA ALA A 14 12.60 14.38 -7.73
C ALA A 14 12.69 13.09 -8.54
N LEU A 15 11.59 12.35 -8.62
CA LEU A 15 11.56 11.12 -9.40
C LEU A 15 11.77 11.40 -10.89
N LEU A 16 11.03 12.40 -11.40
CA LEU A 16 11.16 12.81 -12.78
C LEU A 16 12.58 13.29 -13.09
N SER A 17 13.19 13.98 -12.14
CA SER A 17 14.57 14.45 -12.28
C SER A 17 15.53 13.27 -12.47
N GLU A 18 15.36 12.23 -11.67
CA GLU A 18 16.19 11.04 -11.79
C GLU A 18 16.05 10.40 -13.17
N LYS A 19 14.81 10.33 -13.66
CA LYS A 19 14.54 9.71 -14.94
C LYS A 19 15.10 10.52 -16.11
N VAL A 20 14.86 11.83 -16.09
CA VAL A 20 15.35 12.71 -17.14
C VAL A 20 16.88 12.77 -17.17
N ARG A 21 17.50 12.80 -15.98
CA ARG A 21 18.96 12.81 -15.90
C ARG A 21 19.55 11.59 -16.59
N GLN A 22 19.00 10.42 -16.27
CA GLN A 22 19.48 9.17 -16.84
C GLN A 22 19.37 9.17 -18.36
N ALA A 23 18.28 9.75 -18.87
CA ALA A 23 18.07 9.83 -20.32
C ALA A 23 19.04 10.82 -20.96
N MET A 24 19.32 11.92 -20.26
CA MET A 24 20.30 12.89 -20.73
C MET A 24 21.68 12.26 -20.79
N ILE A 25 22.06 11.60 -19.70
CA ILE A 25 23.35 10.90 -19.63
C ILE A 25 23.47 9.86 -20.74
N ALA A 26 22.40 9.12 -20.96
CA ALA A 26 22.37 8.10 -22.02
C ALA A 26 22.51 8.73 -23.40
N ALA A 27 22.19 10.02 -23.49
CA ALA A 27 22.30 10.75 -24.74
C ALA A 27 23.64 11.48 -24.87
N GLY A 28 24.49 11.32 -23.86
CA GLY A 28 25.84 11.87 -23.92
C GLY A 28 26.15 12.98 -22.93
N ALA A 29 25.13 13.44 -22.21
CA ALA A 29 25.31 14.49 -21.21
C ALA A 29 26.23 14.04 -20.08
N PRO A 30 27.00 14.98 -19.51
CA PRO A 30 27.91 14.68 -18.40
C PRO A 30 27.13 14.30 -17.13
N ALA A 31 27.81 13.65 -16.19
CA ALA A 31 27.15 13.12 -14.99
C ALA A 31 26.63 14.19 -14.03
N ASP A 32 26.95 15.45 -14.31
CA ASP A 32 26.54 16.56 -13.45
C ASP A 32 25.46 17.40 -14.10
N CYS A 33 24.80 16.83 -15.11
CA CYS A 33 23.77 17.55 -15.85
C CYS A 33 22.55 17.87 -15.00
N GLU A 34 21.94 19.03 -15.26
CA GLU A 34 20.73 19.43 -14.55
C GLU A 34 19.53 19.45 -15.50
N PRO A 35 18.57 18.54 -15.28
CA PRO A 35 17.36 18.42 -16.10
C PRO A 35 16.41 19.60 -15.91
N GLN A 36 16.52 20.26 -14.75
CA GLN A 36 15.66 21.41 -14.42
C GLN A 36 14.18 21.11 -14.60
N VAL A 37 13.72 20.03 -13.98
CA VAL A 37 12.31 19.68 -14.01
C VAL A 37 11.55 20.59 -13.04
N ARG A 38 10.55 21.29 -13.57
CA ARG A 38 9.70 22.14 -12.75
C ARG A 38 8.24 22.00 -13.14
N GLN A 39 7.35 22.27 -12.20
CA GLN A 39 5.92 22.24 -12.44
C GLN A 39 5.56 23.19 -13.60
N SER A 40 4.71 22.71 -14.51
CA SER A 40 4.33 23.50 -15.68
C SER A 40 3.47 24.69 -15.29
N ALA A 41 3.64 25.80 -16.01
CA ALA A 41 2.85 27.00 -15.78
C ALA A 41 1.44 26.83 -16.35
N LYS A 42 1.35 26.24 -17.53
CA LYS A 42 0.06 25.96 -18.15
C LYS A 42 -0.15 24.46 -18.26
N VAL A 43 -1.42 24.05 -18.37
CA VAL A 43 -1.76 22.63 -18.32
C VAL A 43 -1.74 21.98 -19.71
N GLN A 44 -1.75 22.80 -20.75
CA GLN A 44 -1.58 22.31 -22.12
C GLN A 44 -0.13 21.84 -22.28
N PHE A 45 0.72 22.32 -21.37
CA PHE A 45 2.13 21.97 -21.36
C PHE A 45 2.39 20.79 -20.43
N GLY A 46 1.33 20.23 -19.87
CA GLY A 46 1.45 19.08 -19.00
C GLY A 46 1.57 19.44 -17.53
N ASP A 47 2.01 18.48 -16.72
CA ASP A 47 2.18 18.70 -15.29
C ASP A 47 3.58 19.23 -15.00
N TYR A 48 4.57 18.68 -15.69
CA TYR A 48 5.96 19.06 -15.47
C TYR A 48 6.68 19.29 -16.79
N GLN A 49 7.73 20.10 -16.73
CA GLN A 49 8.57 20.37 -17.89
C GLN A 49 10.03 20.26 -17.53
N ALA A 50 10.80 19.55 -18.35
CA ALA A 50 12.25 19.54 -18.22
C ALA A 50 12.82 20.67 -19.05
N ASN A 51 13.39 21.66 -18.38
CA ASN A 51 13.83 22.88 -19.05
C ASN A 51 15.35 22.96 -19.25
N GLY A 52 16.07 21.95 -18.77
CA GLY A 52 17.52 21.98 -18.78
C GLY A 52 18.15 21.56 -20.09
N MET A 53 17.34 21.37 -21.13
CA MET A 53 17.83 20.86 -22.40
C MET A 53 18.73 21.84 -23.15
N MET A 54 18.34 23.11 -23.18
CA MET A 54 19.07 24.14 -23.93
C MET A 54 20.47 24.33 -23.36
N ALA A 55 20.58 24.34 -22.03
CA ALA A 55 21.88 24.48 -21.38
C ALA A 55 22.79 23.25 -21.63
N VAL A 56 22.22 22.06 -21.56
CA VAL A 56 22.96 20.83 -21.83
C VAL A 56 23.45 20.74 -23.28
N ALA A 57 22.57 21.07 -24.21
CA ALA A 57 22.90 21.04 -25.62
C ALA A 57 24.03 22.00 -25.97
N LYS A 58 24.02 23.19 -25.35
CA LYS A 58 25.05 24.20 -25.58
C LYS A 58 26.41 23.68 -25.18
N LYS A 59 26.45 23.01 -24.02
CA LYS A 59 27.71 22.51 -23.46
C LYS A 59 28.31 21.41 -24.31
N LEU A 60 27.46 20.50 -24.77
CA LEU A 60 27.88 19.44 -25.69
C LEU A 60 28.05 20.03 -27.09
N GLY A 61 27.60 21.27 -27.26
CA GLY A 61 27.73 21.98 -28.52
C GLY A 61 26.86 21.41 -29.63
N MET A 62 25.56 21.34 -29.39
CA MET A 62 24.61 20.79 -30.35
C MET A 62 23.23 21.42 -30.23
N ALA A 63 22.39 21.23 -31.24
CA ALA A 63 21.05 21.79 -31.24
C ALA A 63 20.15 21.09 -30.23
N PRO A 64 19.48 21.88 -29.37
CA PRO A 64 18.62 21.34 -28.30
C PRO A 64 17.41 20.59 -28.84
N ARG A 65 16.90 21.03 -29.98
CA ARG A 65 15.74 20.40 -30.59
C ARG A 65 16.05 18.96 -31.02
N GLN A 66 17.25 18.76 -31.54
CA GLN A 66 17.66 17.43 -32.00
C GLN A 66 18.27 16.58 -30.89
N LEU A 67 18.70 17.23 -29.81
CA LEU A 67 19.18 16.50 -28.64
C LEU A 67 18.01 16.00 -27.82
N ALA A 68 16.96 16.82 -27.73
CA ALA A 68 15.76 16.46 -26.99
C ALA A 68 15.12 15.20 -27.55
N GLU A 69 15.22 15.03 -28.86
CA GLU A 69 14.68 13.84 -29.53
C GLU A 69 15.51 12.60 -29.20
N GLN A 70 16.80 12.80 -28.91
CA GLN A 70 17.66 11.71 -28.49
C GLN A 70 17.38 11.32 -27.05
N VAL A 71 17.21 12.33 -26.19
CA VAL A 71 16.88 12.11 -24.80
C VAL A 71 15.51 11.43 -24.67
N LEU A 72 14.60 11.79 -25.58
CA LEU A 72 13.28 11.18 -25.64
C LEU A 72 13.38 9.68 -25.89
N THR A 73 14.33 9.29 -26.74
CA THR A 73 14.57 7.89 -27.09
C THR A 73 14.93 7.05 -25.86
N HIS A 74 15.69 7.63 -24.95
CA HIS A 74 16.18 6.91 -23.78
C HIS A 74 15.31 7.12 -22.54
N LEU A 75 14.37 8.05 -22.63
CA LEU A 75 13.54 8.39 -21.47
C LEU A 75 12.46 7.35 -21.22
N ASP A 76 12.47 6.77 -20.02
CA ASP A 76 11.48 5.76 -19.65
C ASP A 76 10.59 6.25 -18.50
N LEU A 77 9.38 6.68 -18.84
CA LEU A 77 8.43 7.13 -17.83
C LEU A 77 7.20 6.22 -17.81
N ASN A 78 7.41 4.96 -18.13
CA ASN A 78 6.35 3.96 -18.04
C ASN A 78 5.90 3.81 -16.58
N GLY A 79 4.60 3.87 -16.36
CA GLY A 79 4.04 3.79 -15.03
C GLY A 79 4.13 5.12 -14.27
N ILE A 80 4.63 6.15 -14.95
CA ILE A 80 4.77 7.47 -14.35
C ILE A 80 4.10 8.55 -15.19
N ALA A 81 4.49 8.63 -16.46
CA ALA A 81 3.90 9.61 -17.36
C ALA A 81 3.06 8.94 -18.43
N SER A 82 1.88 9.50 -18.68
CA SER A 82 0.99 9.02 -19.73
C SER A 82 1.48 9.48 -21.10
N LYS A 83 1.98 10.71 -21.15
CA LYS A 83 2.42 11.29 -22.41
C LYS A 83 3.64 12.18 -22.22
N VAL A 84 4.59 12.07 -23.14
CA VAL A 84 5.81 12.88 -23.10
C VAL A 84 6.15 13.37 -24.50
N GLU A 85 6.11 14.68 -24.69
CA GLU A 85 6.39 15.25 -26.01
C GLU A 85 7.37 16.41 -25.94
N ILE A 86 8.07 16.65 -27.06
CA ILE A 86 9.00 17.76 -27.18
C ILE A 86 8.24 19.01 -27.59
N ALA A 87 8.56 20.14 -26.97
CA ALA A 87 7.88 21.40 -27.27
C ALA A 87 8.88 22.53 -27.53
N GLY A 88 8.60 23.32 -28.55
CA GLY A 88 9.41 24.49 -28.86
C GLY A 88 10.85 24.19 -29.20
N PRO A 89 11.79 24.88 -28.52
CA PRO A 89 13.23 24.77 -28.78
C PRO A 89 13.86 23.54 -28.15
N GLY A 90 13.04 22.66 -27.59
CA GLY A 90 13.54 21.44 -26.99
C GLY A 90 13.10 21.23 -25.56
N PHE A 91 11.95 21.80 -25.20
CA PHE A 91 11.37 21.54 -23.90
C PHE A 91 10.81 20.12 -23.89
N ILE A 92 10.68 19.54 -22.72
CA ILE A 92 10.05 18.23 -22.59
C ILE A 92 8.80 18.33 -21.72
N ASN A 93 7.64 18.28 -22.35
CA ASN A 93 6.38 18.33 -21.63
C ASN A 93 6.00 16.95 -21.11
N ILE A 94 5.78 16.85 -19.79
CA ILE A 94 5.48 15.57 -19.16
C ILE A 94 4.07 15.53 -18.59
N PHE A 95 3.25 14.63 -19.12
CA PHE A 95 1.87 14.47 -18.68
C PHE A 95 1.77 13.24 -17.78
N LEU A 96 1.34 13.45 -16.54
CA LEU A 96 1.35 12.38 -15.55
C LEU A 96 0.27 11.31 -15.77
N ASP A 97 0.66 10.05 -15.56
CA ASP A 97 -0.25 8.91 -15.68
C ASP A 97 -1.26 8.93 -14.53
N PRO A 98 -2.56 8.91 -14.87
CA PRO A 98 -3.62 8.89 -13.86
C PRO A 98 -3.54 7.69 -12.90
N ALA A 99 -3.02 6.56 -13.37
CA ALA A 99 -2.82 5.41 -12.50
C ALA A 99 -1.70 5.71 -11.51
N PHE A 100 -0.66 6.38 -11.98
CA PHE A 100 0.44 6.80 -11.12
C PHE A 100 -0.06 7.71 -10.01
N LEU A 101 -0.87 8.69 -10.38
CA LEU A 101 -1.43 9.63 -9.41
C LEU A 101 -2.35 8.93 -8.42
N ALA A 102 -3.21 8.04 -8.92
CA ALA A 102 -4.17 7.33 -8.09
C ALA A 102 -3.51 6.56 -6.94
N GLU A 103 -2.48 5.78 -7.28
CA GLU A 103 -1.79 4.98 -6.28
C GLU A 103 -1.13 5.85 -5.22
N HIS A 104 -0.58 6.98 -5.64
CA HIS A 104 0.09 7.88 -4.70
C HIS A 104 -0.89 8.66 -3.82
N VAL A 105 -2.09 8.90 -4.33
CA VAL A 105 -3.15 9.48 -3.50
C VAL A 105 -3.53 8.49 -2.42
N GLN A 106 -3.76 7.25 -2.82
CA GLN A 106 -4.06 6.16 -1.90
C GLN A 106 -2.97 5.98 -0.85
N GLN A 107 -1.71 6.01 -1.27
CA GLN A 107 -0.59 5.86 -0.35
C GLN A 107 -0.48 7.05 0.59
N ALA A 108 -0.85 8.24 0.10
CA ALA A 108 -0.81 9.44 0.92
C ALA A 108 -1.88 9.38 2.01
N LEU A 109 -3.07 8.89 1.65
CA LEU A 109 -4.17 8.76 2.59
C LEU A 109 -3.88 7.75 3.70
N ALA A 110 -3.09 6.72 3.37
CA ALA A 110 -2.76 5.69 4.32
C ALA A 110 -1.72 6.16 5.33
N SER A 111 -1.06 7.27 5.02
CA SER A 111 0.01 7.81 5.85
C SER A 111 -0.46 8.99 6.70
N ASP A 112 0.00 9.03 7.95
CA ASP A 112 -0.36 10.11 8.87
C ASP A 112 0.35 11.41 8.50
N ARG A 113 1.44 11.30 7.76
CA ARG A 113 2.18 12.47 7.29
C ARG A 113 2.02 12.62 5.77
N LEU A 114 0.97 11.98 5.25
CA LEU A 114 0.61 12.11 3.83
C LEU A 114 1.71 11.67 2.86
N GLY A 115 2.57 10.77 3.31
CA GLY A 115 3.58 10.20 2.45
C GLY A 115 4.76 11.11 2.19
N VAL A 116 4.86 12.20 2.95
CA VAL A 116 5.99 13.11 2.81
C VAL A 116 7.26 12.44 3.33
N ALA A 117 8.23 12.25 2.42
CA ALA A 117 9.47 11.57 2.76
C ALA A 117 10.29 12.34 3.79
N THR A 118 11.02 11.59 4.62
CA THR A 118 11.91 12.21 5.61
C THR A 118 13.31 12.38 5.05
N PRO A 119 13.77 13.63 4.93
CA PRO A 119 15.13 13.93 4.46
C PRO A 119 16.18 13.45 5.44
N GLU A 120 17.43 13.38 4.99
CA GLU A 120 18.55 13.06 5.88
C GLU A 120 18.53 14.01 7.07
N LYS A 121 18.41 13.44 8.26
CA LYS A 121 18.21 14.23 9.48
C LYS A 121 19.40 15.13 9.79
N GLN A 122 19.10 16.41 10.00
CA GLN A 122 20.11 17.39 10.40
C GLN A 122 19.74 18.00 11.75
N THR A 123 20.75 18.47 12.47
CA THR A 123 20.51 19.26 13.67
C THR A 123 20.49 20.74 13.26
N ILE A 124 19.34 21.36 13.42
CA ILE A 124 19.15 22.74 12.98
C ILE A 124 18.82 23.67 14.13
N VAL A 125 19.63 24.71 14.30
CA VAL A 125 19.33 25.74 15.29
C VAL A 125 18.57 26.86 14.60
N VAL A 126 17.48 27.32 15.22
CA VAL A 126 16.71 28.43 14.68
C VAL A 126 16.66 29.59 15.67
N ASP A 127 17.21 30.72 15.26
CA ASP A 127 17.30 31.92 16.09
C ASP A 127 16.16 32.88 15.77
N TYR A 128 15.20 33.01 16.68
CA TYR A 128 14.04 33.87 16.40
C TYR A 128 13.37 34.43 17.65
N SER A 129 12.43 35.35 17.42
CA SER A 129 11.73 36.10 18.46
C SER A 129 12.65 37.11 19.15
N ALA A 130 13.43 36.62 20.12
CA ALA A 130 14.44 37.43 20.81
C ALA A 130 13.94 38.77 21.37
N PRO A 131 12.90 38.72 22.22
CA PRO A 131 12.41 39.99 22.76
C PRO A 131 13.35 40.55 23.82
N ASN A 132 13.33 41.87 23.99
CA ASN A 132 14.01 42.51 25.11
C ASN A 132 13.20 42.22 26.37
N VAL A 133 13.83 41.57 27.35
CA VAL A 133 13.11 41.15 28.55
C VAL A 133 13.24 42.14 29.70
N ALA A 134 13.64 43.36 29.37
CA ALA A 134 13.64 44.44 30.36
C ALA A 134 12.37 45.27 30.21
N LYS A 135 11.43 44.76 29.41
CA LYS A 135 10.17 45.44 29.12
C LYS A 135 9.19 44.45 28.50
N GLU A 136 7.93 44.87 28.39
CA GLU A 136 6.93 43.99 27.82
C GLU A 136 7.20 43.80 26.33
N MET A 137 6.96 42.58 25.85
CA MET A 137 7.21 42.24 24.46
C MET A 137 6.31 43.07 23.54
N HIS A 138 6.84 43.48 22.40
CA HIS A 138 6.11 44.37 21.50
C HIS A 138 6.19 43.97 20.03
N VAL A 139 5.55 44.76 19.18
CA VAL A 139 5.42 44.49 17.75
C VAL A 139 6.77 44.31 17.02
N GLY A 140 7.80 45.01 17.50
CA GLY A 140 9.12 44.92 16.91
C GLY A 140 9.70 43.51 16.87
N HIS A 141 9.14 42.62 17.69
CA HIS A 141 9.61 41.25 17.75
C HIS A 141 8.63 40.27 17.09
N LEU A 142 7.56 40.80 16.50
CA LEU A 142 6.46 39.97 16.00
C LEU A 142 6.81 39.14 14.77
N ARG A 143 7.34 39.79 13.74
CA ARG A 143 7.65 39.12 12.47
C ARG A 143 8.61 37.95 12.66
N SER A 144 9.66 38.18 13.45
CA SER A 144 10.66 37.16 13.73
C SER A 144 10.03 35.94 14.39
N THR A 145 9.16 36.19 15.37
CA THR A 145 8.50 35.12 16.11
C THR A 145 7.64 34.24 15.20
N ILE A 146 6.87 34.88 14.34
CA ILE A 146 5.93 34.17 13.47
C ILE A 146 6.65 33.42 12.34
N ILE A 147 7.54 34.11 11.63
CA ILE A 147 8.23 33.50 10.50
C ILE A 147 9.18 32.41 10.95
N GLY A 148 9.89 32.66 12.04
CA GLY A 148 10.80 31.68 12.60
C GLY A 148 10.10 30.41 13.06
N ASP A 149 8.92 30.56 13.64
CA ASP A 149 8.17 29.41 14.16
C ASP A 149 7.63 28.55 13.03
N ALA A 150 7.34 29.18 11.89
CA ALA A 150 6.90 28.43 10.71
C ALA A 150 8.05 27.58 10.19
N ALA A 151 9.26 28.16 10.18
CA ALA A 151 10.46 27.43 9.78
C ALA A 151 10.69 26.25 10.72
N VAL A 152 10.55 26.51 12.02
CA VAL A 152 10.67 25.48 13.04
C VAL A 152 9.68 24.33 12.83
N ARG A 153 8.42 24.66 12.64
CA ARG A 153 7.38 23.66 12.42
C ARG A 153 7.66 22.83 11.18
N THR A 154 8.03 23.49 10.10
CA THR A 154 8.33 22.83 8.83
C THR A 154 9.51 21.86 8.96
N LEU A 155 10.61 22.35 9.53
CA LEU A 155 11.81 21.54 9.70
C LEU A 155 11.55 20.35 10.64
N GLU A 156 10.73 20.57 11.66
CA GLU A 156 10.36 19.49 12.57
C GLU A 156 9.48 18.44 11.90
N PHE A 157 8.54 18.90 11.09
CA PHE A 157 7.68 17.97 10.35
C PHE A 157 8.49 17.15 9.35
N LEU A 158 9.60 17.72 8.88
CA LEU A 158 10.50 16.99 8.01
C LEU A 158 11.47 16.10 8.80
N GLY A 159 11.25 16.04 10.11
CA GLY A 159 11.96 15.10 10.96
C GLY A 159 13.34 15.54 11.42
N HIS A 160 13.64 16.82 11.28
CA HIS A 160 14.94 17.34 11.71
C HIS A 160 15.00 17.57 13.21
N LYS A 161 16.20 17.51 13.77
CA LYS A 161 16.43 17.92 15.14
C LYS A 161 16.49 19.43 15.17
N VAL A 162 15.42 20.07 15.61
CA VAL A 162 15.34 21.53 15.61
C VAL A 162 15.51 22.07 17.02
N ILE A 163 16.51 22.92 17.19
CA ILE A 163 16.76 23.57 18.47
C ILE A 163 16.35 25.03 18.39
N ARG A 164 15.26 25.37 19.07
CA ARG A 164 14.78 26.74 19.13
C ARG A 164 15.68 27.56 20.04
N ALA A 165 16.24 28.64 19.51
CA ALA A 165 17.10 29.52 20.29
C ALA A 165 16.47 30.90 20.44
N ASN A 166 15.93 31.18 21.62
CA ASN A 166 15.33 32.49 21.87
C ASN A 166 16.36 33.46 22.46
N HIS A 167 17.09 34.14 21.58
CA HIS A 167 18.20 35.01 21.95
C HIS A 167 17.72 36.28 22.64
N VAL A 168 17.15 36.14 23.84
CA VAL A 168 16.54 37.29 24.52
C VAL A 168 17.56 38.33 24.96
N GLY A 169 17.14 39.59 24.97
CA GLY A 169 17.97 40.67 25.45
C GLY A 169 17.87 40.77 26.96
N ASP A 170 18.70 39.99 27.66
CA ASP A 170 18.61 39.88 29.10
C ASP A 170 19.83 40.46 29.82
N TRP A 171 20.52 41.40 29.17
CA TRP A 171 21.77 41.92 29.73
C TRP A 171 22.08 43.36 29.34
N GLY A 172 21.08 44.22 29.35
CA GLY A 172 21.28 45.62 29.04
C GLY A 172 21.54 46.48 30.27
N THR A 173 21.71 47.77 30.05
CA THR A 173 21.81 48.73 31.15
C THR A 173 20.42 48.96 31.72
N GLN A 174 19.42 48.51 30.97
CA GLN A 174 18.02 48.68 31.31
C GLN A 174 17.64 47.96 32.61
N PHE A 175 18.49 47.04 33.03
CA PHE A 175 18.22 46.23 34.22
C PHE A 175 18.61 46.94 35.53
N GLY A 176 19.56 47.86 35.44
CA GLY A 176 20.02 48.61 36.60
C GLY A 176 18.87 49.32 37.29
N MET A 177 18.02 49.95 36.49
CA MET A 177 16.83 50.61 37.02
C MET A 177 15.85 49.59 37.60
N LEU A 178 15.66 48.48 36.88
CA LEU A 178 14.76 47.42 37.32
C LEU A 178 15.20 46.80 38.64
N ILE A 179 16.47 46.41 38.71
CA ILE A 179 17.04 45.82 39.91
C ILE A 179 16.93 46.78 41.10
N ALA A 180 17.22 48.05 40.86
CA ALA A 180 17.14 49.07 41.91
C ALA A 180 15.73 49.18 42.46
N TRP A 181 14.73 49.17 41.58
CA TRP A 181 13.34 49.29 41.99
C TRP A 181 12.87 48.07 42.79
N LEU A 182 13.26 46.88 42.31
CA LEU A 182 12.89 45.64 42.99
C LEU A 182 13.42 45.62 44.41
N GLU A 183 14.65 46.10 44.59
CA GLU A 183 15.25 46.17 45.91
C GLU A 183 14.55 47.20 46.80
N LYS A 184 14.28 48.37 46.24
CA LYS A 184 13.64 49.44 46.99
C LYS A 184 12.24 49.04 47.46
N GLN A 185 11.66 48.03 46.81
CA GLN A 185 10.41 47.44 47.28
C GLN A 185 10.67 46.16 48.07
N GLN A 186 10.66 45.03 47.36
CA GLN A 186 10.82 43.68 47.93
C GLN A 186 11.74 43.57 49.15
N GLN A 187 12.89 44.25 49.09
CA GLN A 187 13.88 44.16 50.16
C GLN A 187 13.74 45.23 51.23
N GLU A 188 14.40 46.36 51.02
CA GLU A 188 14.49 47.43 52.03
C GLU A 188 13.13 47.92 52.53
N ASN A 189 12.11 47.81 51.69
CA ASN A 189 10.75 48.16 52.08
C ASN A 189 9.92 46.93 52.42
N ALA A 190 9.90 45.97 51.50
CA ALA A 190 9.14 44.73 51.66
C ALA A 190 7.66 44.98 51.94
N LEU A 195 2.76 39.09 39.01
CA LEU A 195 2.50 39.00 37.58
C LEU A 195 1.56 40.10 37.12
N ALA A 196 0.79 40.65 38.06
CA ALA A 196 -0.07 41.79 37.78
C ALA A 196 0.67 43.08 38.12
N ASP A 197 1.68 42.97 38.98
CA ASP A 197 2.49 44.12 39.36
C ASP A 197 3.60 44.36 38.35
N LEU A 198 3.78 43.41 37.43
CA LEU A 198 4.84 43.50 36.43
C LEU A 198 4.61 44.65 35.46
N GLU A 199 3.35 44.97 35.20
CA GLU A 199 2.99 46.08 34.33
C GLU A 199 3.08 47.39 35.10
N GLY A 200 2.86 47.31 36.41
CA GLY A 200 3.09 48.45 37.28
C GLY A 200 4.58 48.61 37.51
N PHE A 201 5.29 47.49 37.51
CA PHE A 201 6.71 47.45 37.79
C PHE A 201 7.53 48.35 36.86
N TYR A 202 7.48 48.04 35.57
CA TYR A 202 8.26 48.75 34.56
C TYR A 202 8.04 50.27 34.57
N ARG A 203 6.79 50.67 34.67
CA ARG A 203 6.45 52.09 34.69
C ARG A 203 6.91 52.77 35.98
N ASP A 204 6.66 52.12 37.11
CA ASP A 204 7.07 52.66 38.41
C ASP A 204 8.59 52.75 38.53
N ALA A 205 9.29 51.90 37.78
CA ALA A 205 10.75 51.92 37.76
C ALA A 205 11.26 53.20 37.11
N LYS A 206 10.72 53.51 35.92
CA LYS A 206 11.08 54.72 35.21
C LYS A 206 10.52 55.95 35.91
N LYS A 207 9.47 55.75 36.70
CA LYS A 207 8.84 56.83 37.46
C LYS A 207 9.80 57.47 38.45
N HIS A 208 10.85 56.74 38.82
CA HIS A 208 11.84 57.25 39.76
C HIS A 208 13.17 57.48 39.08
N TYR A 209 13.26 57.05 37.82
CA TYR A 209 14.46 57.24 37.01
C TYR A 209 14.70 58.71 36.73
N ASP A 210 13.63 59.50 36.80
CA ASP A 210 13.68 60.90 36.38
C ASP A 210 13.28 61.87 37.50
N GLU A 211 12.95 61.33 38.67
CA GLU A 211 12.47 62.16 39.78
C GLU A 211 13.25 61.92 41.07
N ASP A 212 14.45 61.35 40.94
CA ASP A 212 15.29 61.06 42.10
C ASP A 212 16.73 60.86 41.63
N GLU A 213 17.58 61.84 41.92
CA GLU A 213 18.98 61.82 41.50
C GLU A 213 19.73 60.64 42.11
N GLU A 214 19.47 60.36 43.38
CA GLU A 214 20.11 59.24 44.07
C GLU A 214 19.76 57.90 43.42
N PHE A 215 18.47 57.68 43.20
CA PHE A 215 17.98 56.43 42.62
C PHE A 215 18.58 56.16 41.25
N ALA A 216 18.46 57.13 40.35
CA ALA A 216 18.92 56.98 38.98
C ALA A 216 20.44 56.90 38.88
N GLU A 217 21.12 57.29 39.96
CA GLU A 217 22.57 57.14 40.04
C GLU A 217 22.88 55.74 40.56
N ARG A 218 22.09 55.31 41.54
CA ARG A 218 22.20 53.97 42.11
C ARG A 218 21.94 52.93 41.03
N ALA A 219 20.99 53.21 40.15
CA ALA A 219 20.60 52.30 39.09
C ALA A 219 21.72 52.06 38.08
N ARG A 220 22.53 53.09 37.81
CA ARG A 220 23.62 52.95 36.87
C ARG A 220 24.77 52.11 37.40
N ASN A 221 24.98 52.16 38.72
CA ASN A 221 26.06 51.40 39.33
C ASN A 221 25.61 50.00 39.79
N TYR A 222 24.30 49.76 39.76
CA TYR A 222 23.78 48.41 39.96
C TYR A 222 24.06 47.56 38.72
N VAL A 223 24.19 48.24 37.57
CA VAL A 223 24.61 47.59 36.34
C VAL A 223 26.03 47.04 36.53
N VAL A 224 26.88 47.84 37.14
CA VAL A 224 28.26 47.44 37.43
C VAL A 224 28.29 46.25 38.38
N LYS A 225 27.48 46.33 39.45
CA LYS A 225 27.42 45.27 40.44
C LYS A 225 26.88 43.96 39.85
N LEU A 226 25.94 44.09 38.91
CA LEU A 226 25.41 42.92 38.22
C LEU A 226 26.48 42.34 37.30
N GLN A 227 27.23 43.23 36.65
CA GLN A 227 28.29 42.80 35.75
C GLN A 227 29.52 42.30 36.54
N SER A 228 29.61 42.69 37.81
CA SER A 228 30.74 42.26 38.64
C SER A 228 30.66 40.76 38.94
N GLY A 229 29.44 40.24 39.04
CA GLY A 229 29.24 38.83 39.31
C GLY A 229 28.74 38.54 40.71
N ASP A 230 28.40 39.60 41.45
CA ASP A 230 27.83 39.45 42.79
C ASP A 230 26.53 38.64 42.70
N GLU A 231 26.49 37.54 43.44
CA GLU A 231 25.37 36.60 43.33
C GLU A 231 24.07 37.18 43.87
N TYR A 232 24.15 38.22 44.70
CA TYR A 232 22.96 38.87 45.24
C TYR A 232 22.16 39.53 44.13
N PHE A 233 22.84 40.31 43.30
CA PHE A 233 22.18 41.03 42.21
C PHE A 233 21.87 40.08 41.06
N ARG A 234 22.63 39.00 40.97
CA ARG A 234 22.43 38.00 39.92
C ARG A 234 21.16 37.20 40.19
N GLU A 235 20.80 37.04 41.46
CA GLU A 235 19.59 36.33 41.84
C GLU A 235 18.35 37.18 41.66
N MET A 236 18.47 38.48 41.96
CA MET A 236 17.37 39.40 41.71
C MET A 236 17.19 39.60 40.21
N TRP A 237 18.28 39.40 39.47
CA TRP A 237 18.23 39.49 38.01
C TRP A 237 17.52 38.29 37.40
N ARG A 238 17.84 37.09 37.89
CA ARG A 238 17.18 35.88 37.41
C ARG A 238 15.68 35.95 37.67
N LYS A 239 15.31 36.47 38.84
CA LYS A 239 13.91 36.58 39.24
C LYS A 239 13.07 37.39 38.26
N LEU A 240 13.56 38.59 37.92
CA LEU A 240 12.79 39.47 37.05
C LEU A 240 12.82 39.05 35.59
N VAL A 241 13.83 38.26 35.22
CA VAL A 241 13.87 37.64 33.90
C VAL A 241 12.85 36.49 33.86
N ASP A 242 12.83 35.71 34.93
CA ASP A 242 11.89 34.59 35.06
C ASP A 242 10.44 35.06 34.93
N ILE A 243 10.09 36.11 35.65
CA ILE A 243 8.72 36.60 35.67
C ILE A 243 8.32 37.27 34.36
N THR A 244 9.29 37.83 33.65
CA THR A 244 9.03 38.48 32.37
C THR A 244 8.81 37.43 31.28
N MET A 245 9.64 36.39 31.28
CA MET A 245 9.46 35.29 30.35
C MET A 245 8.16 34.53 30.66
N THR A 246 7.72 34.60 31.91
CA THR A 246 6.44 34.03 32.32
C THR A 246 5.30 34.79 31.64
N GLN A 247 5.42 36.10 31.58
CA GLN A 247 4.45 36.93 30.88
C GLN A 247 4.56 36.72 29.37
N ASN A 248 5.77 36.46 28.90
CA ASN A 248 6.00 36.22 27.48
C ASN A 248 5.49 34.86 27.03
N GLN A 249 5.45 33.89 27.94
CA GLN A 249 4.98 32.54 27.60
C GLN A 249 3.49 32.53 27.32
N ILE A 250 2.72 33.26 28.12
CA ILE A 250 1.27 33.30 27.95
C ILE A 250 0.87 34.10 26.71
N THR A 251 1.80 34.88 26.18
CA THR A 251 1.58 35.61 24.94
C THR A 251 1.93 34.72 23.74
N TYR A 252 3.04 33.99 23.87
CA TYR A 252 3.42 32.96 22.90
C TYR A 252 2.30 31.95 22.75
N ASP A 253 1.71 31.57 23.88
CA ASP A 253 0.62 30.60 23.90
C ASP A 253 -0.60 31.13 23.14
N ARG A 254 -0.93 32.40 23.35
CA ARG A 254 -2.03 33.03 22.63
C ARG A 254 -1.72 33.09 21.14
N LEU A 255 -0.43 33.16 20.82
CA LEU A 255 0.02 33.23 19.43
C LEU A 255 0.06 31.84 18.79
N ASN A 256 -0.12 30.80 19.60
CA ASN A 256 0.08 29.42 19.18
C ASN A 256 1.48 29.23 18.61
N VAL A 257 2.48 29.67 19.38
CA VAL A 257 3.88 29.56 18.98
C VAL A 257 4.58 28.49 19.84
N THR A 258 5.43 27.70 19.22
CA THR A 258 6.04 26.55 19.88
C THR A 258 7.15 26.90 20.87
N LEU A 259 7.42 28.19 21.06
CA LEU A 259 8.46 28.62 22.00
C LEU A 259 8.06 28.36 23.44
N THR A 260 9.00 27.80 24.21
CA THR A 260 8.80 27.57 25.64
C THR A 260 9.96 28.14 26.44
N ARG A 261 9.98 27.87 27.74
CA ARG A 261 10.96 28.48 28.64
C ARG A 261 12.39 27.98 28.39
N ASP A 262 12.55 26.68 28.17
CA ASP A 262 13.88 26.12 27.99
C ASP A 262 14.41 26.22 26.56
N ASP A 263 13.86 27.16 25.80
CA ASP A 263 14.41 27.52 24.50
C ASP A 263 15.18 28.84 24.65
N VAL A 264 15.10 29.41 25.85
CA VAL A 264 15.71 30.70 26.11
C VAL A 264 17.23 30.60 26.24
N MET A 265 17.93 31.25 25.32
CA MET A 265 19.39 31.33 25.35
C MET A 265 19.81 32.76 25.12
N GLY A 266 19.68 33.59 26.16
CA GLY A 266 19.96 35.01 26.05
C GLY A 266 21.44 35.30 25.84
N GLU A 267 21.75 36.57 25.57
CA GLU A 267 23.14 36.95 25.35
C GLU A 267 23.97 36.85 26.63
N SER A 268 23.29 36.81 27.77
CA SER A 268 23.97 36.62 29.05
C SER A 268 24.62 35.25 29.13
N LEU A 269 24.09 34.30 28.36
CA LEU A 269 24.63 32.93 28.31
C LEU A 269 26.03 32.93 27.71
N TYR A 270 26.31 33.90 26.86
CA TYR A 270 27.58 33.94 26.13
C TYR A 270 28.61 34.85 26.80
N ASN A 271 28.18 35.57 27.83
CA ASN A 271 29.07 36.47 28.58
C ASN A 271 30.37 35.84 29.14
N PRO A 272 30.26 34.67 29.81
CA PRO A 272 31.51 34.10 30.34
C PRO A 272 32.42 33.54 29.25
N MET A 273 31.97 33.61 28.00
CA MET A 273 32.76 33.09 26.88
C MET A 273 33.58 34.18 26.21
N LEU A 274 33.14 35.44 26.35
CA LEU A 274 33.72 36.57 25.62
C LEU A 274 35.23 36.82 25.82
N PRO A 275 35.72 36.83 27.08
CA PRO A 275 37.16 37.04 27.22
C PRO A 275 37.97 35.93 26.54
N GLY A 276 37.44 34.71 26.59
CA GLY A 276 38.10 33.58 25.94
C GLY A 276 38.16 33.75 24.43
N ILE A 277 37.08 34.25 23.84
CA ILE A 277 37.03 34.49 22.41
C ILE A 277 38.07 35.50 21.97
N VAL A 278 38.05 36.67 22.62
CA VAL A 278 38.97 37.75 22.31
C VAL A 278 40.43 37.30 22.50
N ALA A 279 40.69 36.57 23.57
CA ALA A 279 42.02 36.05 23.84
C ALA A 279 42.46 35.07 22.76
N ASP A 280 41.52 34.24 22.29
CA ASP A 280 41.82 33.25 21.26
C ASP A 280 42.05 33.89 19.90
N LEU A 281 41.27 34.93 19.60
CA LEU A 281 41.41 35.66 18.34
C LEU A 281 42.73 36.42 18.28
N LYS A 282 43.25 36.80 19.45
CA LYS A 282 44.58 37.40 19.52
C LYS A 282 45.63 36.34 19.24
N ALA A 283 45.49 35.18 19.89
CA ALA A 283 46.44 34.09 19.76
C ALA A 283 46.55 33.59 18.32
N LYS A 284 45.46 33.71 17.57
CA LYS A 284 45.44 33.32 16.17
C LYS A 284 46.04 34.41 15.29
N GLY A 285 46.36 35.55 15.88
CA GLY A 285 46.93 36.67 15.15
C GLY A 285 45.91 37.41 14.30
N LEU A 286 44.63 37.24 14.63
CA LEU A 286 43.56 37.91 13.89
C LEU A 286 43.18 39.23 14.54
N ALA A 287 43.24 39.27 15.87
CA ALA A 287 42.88 40.47 16.62
C ALA A 287 44.11 41.25 17.06
N VAL A 288 44.13 42.55 16.75
CA VAL A 288 45.22 43.42 17.17
C VAL A 288 44.65 44.73 17.70
N GLU A 289 45.51 45.53 18.35
CA GLU A 289 45.09 46.80 18.92
C GLU A 289 44.99 47.87 17.85
N SER A 290 43.94 48.68 17.93
CA SER A 290 43.72 49.79 17.00
C SER A 290 42.90 50.90 17.62
N GLU A 291 43.54 52.05 17.87
CA GLU A 291 42.92 53.19 18.52
C GLU A 291 42.37 52.80 19.90
N GLY A 292 43.15 52.04 20.65
CA GLY A 292 42.76 51.61 21.98
C GLY A 292 41.88 50.37 21.96
N ALA A 293 41.21 50.15 20.84
CA ALA A 293 40.28 49.02 20.72
C ALA A 293 40.94 47.78 20.11
N THR A 294 40.32 46.63 20.33
CA THR A 294 40.79 45.38 19.75
C THR A 294 39.96 45.05 18.52
N VAL A 295 40.60 45.00 17.36
CA VAL A 295 39.87 44.81 16.11
C VAL A 295 40.36 43.60 15.30
N VAL A 296 39.49 43.14 14.41
CA VAL A 296 39.86 42.18 13.38
C VAL A 296 39.69 42.86 12.02
N PHE A 297 40.74 42.89 11.22
CA PHE A 297 40.66 43.52 9.90
C PHE A 297 40.05 42.57 8.87
N LEU A 298 38.98 43.03 8.21
CA LEU A 298 38.32 42.23 7.18
C LEU A 298 38.46 42.87 5.81
N ASP A 299 38.91 42.09 4.84
CA ASP A 299 39.09 42.57 3.47
C ASP A 299 37.75 42.86 2.81
N GLU A 300 36.72 42.14 3.26
CA GLU A 300 35.40 42.19 2.62
C GLU A 300 34.62 43.46 2.94
N PHE A 301 35.09 44.23 3.91
CA PHE A 301 34.38 45.42 4.36
C PHE A 301 35.27 46.65 4.41
N LYS A 302 34.66 47.81 4.17
CA LYS A 302 35.38 49.08 4.21
C LYS A 302 34.82 49.97 5.31
N ASN A 303 35.70 50.67 6.02
CA ASN A 303 35.26 51.65 7.01
C ASN A 303 34.86 52.96 6.34
N LYS A 304 34.56 53.97 7.15
CA LYS A 304 34.12 55.26 6.64
C LYS A 304 35.23 56.02 5.93
N GLU A 305 36.47 55.60 6.18
CA GLU A 305 37.64 56.23 5.60
C GLU A 305 38.02 55.59 4.27
N GLY A 306 37.25 54.57 3.87
CA GLY A 306 37.52 53.84 2.64
C GLY A 306 38.57 52.77 2.83
N GLU A 307 39.00 52.57 4.07
CA GLU A 307 40.06 51.64 4.42
C GLU A 307 39.46 50.28 4.80
N PRO A 308 40.30 49.22 4.79
CA PRO A 308 39.84 47.91 5.27
C PRO A 308 39.30 48.02 6.69
N MET A 309 38.13 47.47 6.94
CA MET A 309 37.45 47.68 8.21
C MET A 309 38.02 46.87 9.37
N GLY A 310 38.39 47.57 10.44
CA GLY A 310 38.78 46.92 11.67
C GLY A 310 37.56 46.71 12.55
N VAL A 311 37.01 45.50 12.50
CA VAL A 311 35.82 45.15 13.28
C VAL A 311 36.15 45.03 14.77
N ILE A 312 35.57 45.91 15.58
CA ILE A 312 35.84 45.94 17.01
C ILE A 312 35.18 44.76 17.75
N ILE A 313 36.00 43.98 18.45
CA ILE A 313 35.48 42.88 19.26
C ILE A 313 35.61 43.19 20.75
N GLN A 314 36.37 44.23 21.07
CA GLN A 314 36.44 44.77 22.43
C GLN A 314 36.90 46.22 22.35
N LYS A 315 36.15 47.12 22.98
CA LYS A 315 36.43 48.55 22.86
C LYS A 315 37.40 49.09 23.91
N LYS A 316 37.76 50.35 23.78
CA LYS A 316 38.76 51.00 24.62
C LYS A 316 38.52 50.84 26.12
N ASP A 317 37.27 51.02 26.56
CA ASP A 317 36.94 50.92 27.98
C ASP A 317 36.95 49.47 28.47
N GLY A 318 37.19 48.53 27.56
CA GLY A 318 37.30 47.13 27.91
C GLY A 318 35.98 46.38 27.75
N GLY A 319 34.91 47.12 27.48
CA GLY A 319 33.61 46.50 27.31
C GLY A 319 33.50 45.75 26.00
N TYR A 320 32.56 44.83 25.93
CA TYR A 320 32.31 44.09 24.71
C TYR A 320 31.05 44.62 24.02
N LEU A 321 30.72 44.06 22.87
CA LEU A 321 29.54 44.50 22.14
C LEU A 321 28.91 43.37 21.32
N TYR A 322 27.91 43.74 20.52
CA TYR A 322 27.10 42.78 19.76
C TYR A 322 27.93 41.82 18.92
N THR A 323 29.01 42.31 18.32
CA THR A 323 29.86 41.48 17.47
C THR A 323 30.48 40.34 18.26
N THR A 324 31.02 40.66 19.43
CA THR A 324 31.64 39.66 20.30
C THR A 324 30.66 38.55 20.68
N THR A 325 29.43 38.94 21.01
CA THR A 325 28.40 37.97 21.34
C THR A 325 28.02 37.14 20.11
N ASP A 326 27.89 37.80 18.97
CA ASP A 326 27.58 37.13 17.70
C ASP A 326 28.63 36.07 17.36
N ILE A 327 29.89 36.38 17.62
CA ILE A 327 30.96 35.42 17.40
C ILE A 327 30.81 34.23 18.34
N ALA A 328 30.67 34.51 19.63
CA ALA A 328 30.50 33.46 20.63
C ALA A 328 29.27 32.60 20.38
N CYS A 329 28.22 33.25 19.87
CA CYS A 329 26.95 32.57 19.63
C CYS A 329 27.06 31.48 18.58
N ALA A 330 27.64 31.83 17.43
CA ALA A 330 27.84 30.88 16.34
C ALA A 330 28.76 29.74 16.75
N LYS A 331 29.85 30.09 17.42
CA LYS A 331 30.81 29.10 17.93
C LYS A 331 30.13 28.11 18.86
N TYR A 332 29.35 28.63 19.80
CA TYR A 332 28.62 27.80 20.77
C TYR A 332 27.64 26.86 20.08
N ARG A 333 26.97 27.35 19.05
CA ARG A 333 25.94 26.57 18.37
C ARG A 333 26.52 25.43 17.54
N TYR A 334 27.79 25.55 17.17
CA TYR A 334 28.48 24.46 16.50
C TYR A 334 29.16 23.51 17.48
N GLU A 335 29.89 24.08 18.43
CA GLU A 335 30.69 23.28 19.37
C GLU A 335 29.85 22.56 20.42
N THR A 336 28.83 23.25 20.95
CA THR A 336 28.04 22.70 22.04
C THR A 336 26.72 22.07 21.58
N LEU A 337 26.09 22.68 20.59
CA LEU A 337 24.79 22.20 20.11
C LEU A 337 24.92 21.31 18.88
N HIS A 338 26.11 21.25 18.31
CA HIS A 338 26.42 20.40 17.16
C HIS A 338 25.52 20.71 15.96
N ALA A 339 25.30 21.99 15.69
CA ALA A 339 24.43 22.39 14.58
C ALA A 339 25.04 22.01 13.24
N ASP A 340 24.20 21.53 12.33
CA ASP A 340 24.60 21.27 10.96
C ASP A 340 24.24 22.49 10.13
N ARG A 341 23.48 23.38 10.73
CA ARG A 341 22.88 24.52 10.04
C ARG A 341 22.24 25.46 11.05
N VAL A 342 22.50 26.76 10.89
CA VAL A 342 21.91 27.74 11.81
C VAL A 342 21.14 28.79 11.02
N LEU A 343 19.90 29.04 11.44
CA LEU A 343 19.03 30.00 10.78
C LEU A 343 18.76 31.19 11.68
N TYR A 344 19.04 32.39 11.16
CA TYR A 344 18.81 33.62 11.92
C TYR A 344 17.64 34.39 11.33
N TYR A 345 16.55 34.48 12.08
CA TYR A 345 15.42 35.31 11.66
C TYR A 345 15.51 36.69 12.29
N ILE A 346 16.22 37.58 11.62
CA ILE A 346 16.54 38.90 12.14
C ILE A 346 16.24 39.97 11.10
N ASP A 347 15.83 41.15 11.59
CA ASP A 347 15.59 42.31 10.74
C ASP A 347 16.76 42.59 9.79
N SER A 348 16.43 42.99 8.57
CA SER A 348 17.43 43.10 7.49
C SER A 348 18.50 44.18 7.71
N ARG A 349 18.28 45.08 8.66
CA ARG A 349 19.25 46.14 8.93
C ARG A 349 20.43 45.60 9.74
N GLN A 350 20.32 44.35 10.17
CA GLN A 350 21.36 43.72 10.96
C GLN A 350 22.29 42.88 10.08
N HIS A 351 22.04 42.91 8.78
CA HIS A 351 22.78 42.08 7.83
C HIS A 351 24.29 42.29 7.90
N GLN A 352 24.73 43.54 7.75
CA GLN A 352 26.16 43.85 7.76
C GLN A 352 26.84 43.46 9.07
N HIS A 353 26.17 43.73 10.19
CA HIS A 353 26.67 43.34 11.50
C HIS A 353 26.89 41.83 11.57
N LEU A 354 25.89 41.07 11.11
CA LEU A 354 25.97 39.62 11.10
C LEU A 354 27.07 39.12 10.18
N MET A 355 27.12 39.67 8.97
CA MET A 355 28.12 39.25 7.98
C MET A 355 29.55 39.53 8.46
N GLN A 356 29.73 40.62 9.20
CA GLN A 356 31.03 40.97 9.76
C GLN A 356 31.46 39.95 10.80
N ALA A 357 30.59 39.70 11.76
CA ALA A 357 30.88 38.77 12.85
C ALA A 357 31.07 37.34 12.35
N TRP A 358 30.30 36.96 11.33
CA TRP A 358 30.41 35.61 10.78
C TRP A 358 31.67 35.45 9.94
N ALA A 359 32.14 36.54 9.33
CA ALA A 359 33.37 36.52 8.57
C ALA A 359 34.55 36.24 9.49
N ILE A 360 34.45 36.71 10.73
CA ILE A 360 35.46 36.47 11.75
C ILE A 360 35.35 35.03 12.26
N VAL A 361 34.11 34.54 12.38
CA VAL A 361 33.85 33.16 12.75
C VAL A 361 34.53 32.20 11.78
N ARG A 362 34.41 32.47 10.49
CA ARG A 362 35.04 31.66 9.46
C ARG A 362 36.57 31.70 9.56
N LYS A 363 37.12 32.91 9.64
CA LYS A 363 38.57 33.10 9.74
C LYS A 363 39.16 32.33 10.91
N ALA A 364 38.49 32.37 12.05
CA ALA A 364 38.95 31.67 13.24
C ALA A 364 38.72 30.16 13.16
N GLY A 365 37.85 29.75 12.23
CA GLY A 365 37.51 28.35 12.08
C GLY A 365 36.65 27.85 13.21
N TYR A 366 35.84 28.75 13.78
CA TYR A 366 34.92 28.39 14.85
C TYR A 366 33.78 27.54 14.32
N VAL A 367 33.37 27.84 13.08
CA VAL A 367 32.31 27.10 12.42
C VAL A 367 32.78 26.74 11.01
N PRO A 368 32.85 25.43 10.71
CA PRO A 368 33.30 24.96 9.40
C PRO A 368 32.40 25.48 8.28
N GLU A 369 32.96 25.64 7.09
CA GLU A 369 32.23 26.23 5.96
C GLU A 369 31.08 25.35 5.49
N SER A 370 31.13 24.07 5.87
CA SER A 370 30.08 23.13 5.50
C SER A 370 28.82 23.31 6.36
N VAL A 371 28.94 24.14 7.40
CA VAL A 371 27.80 24.48 8.24
C VAL A 371 27.35 25.91 7.96
N PRO A 372 26.26 26.06 7.19
CA PRO A 372 25.81 27.40 6.80
C PRO A 372 25.30 28.23 7.97
N LEU A 373 25.58 29.53 7.93
CA LEU A 373 25.02 30.50 8.86
C LEU A 373 24.13 31.43 8.04
N GLU A 374 22.83 31.21 8.09
CA GLU A 374 21.92 31.86 7.17
C GLU A 374 21.13 32.99 7.82
N HIS A 375 21.20 34.17 7.21
CA HIS A 375 20.41 35.30 7.64
C HIS A 375 19.11 35.32 6.86
N HIS A 376 18.06 34.75 7.45
CA HIS A 376 16.75 34.78 6.83
C HIS A 376 16.10 36.12 7.20
N MET A 377 16.47 37.16 6.48
CA MET A 377 16.09 38.52 6.86
C MET A 377 14.68 38.86 6.42
N PHE A 378 14.12 39.89 7.05
CA PHE A 378 12.77 40.34 6.74
C PHE A 378 12.67 41.86 6.83
N GLY A 379 11.70 42.42 6.12
CA GLY A 379 11.46 43.85 6.19
C GLY A 379 10.77 44.22 7.49
N MET A 380 10.61 45.51 7.73
CA MET A 380 9.99 46.00 8.95
C MET A 380 8.47 46.11 8.79
N MET A 381 7.76 46.06 9.91
CA MET A 381 6.32 46.30 9.90
C MET A 381 6.03 47.78 9.74
N LEU A 382 5.12 48.11 8.82
CA LEU A 382 4.78 49.50 8.55
C LEU A 382 3.30 49.76 8.81
N GLY A 383 2.94 51.04 8.84
CA GLY A 383 1.55 51.43 8.88
C GLY A 383 1.08 51.78 7.48
N LYS A 384 -0.13 52.30 7.37
CA LYS A 384 -0.68 52.68 6.08
C LYS A 384 0.11 53.85 5.48
N ASP A 385 0.78 54.60 6.35
CA ASP A 385 1.56 55.76 5.94
C ASP A 385 2.85 55.38 5.22
N GLY A 386 3.29 54.13 5.38
CA GLY A 386 4.55 53.69 4.83
C GLY A 386 5.68 53.92 5.83
N LYS A 387 5.29 54.28 7.05
CA LYS A 387 6.24 54.55 8.12
C LYS A 387 6.09 53.49 9.22
N PRO A 388 7.14 53.29 10.04
CA PRO A 388 7.16 52.31 11.13
C PRO A 388 5.85 52.20 11.93
N PHE A 389 5.55 51.00 12.39
CA PHE A 389 4.26 50.70 12.98
C PHE A 389 4.09 51.21 14.42
N LYS A 390 3.18 52.17 14.59
CA LYS A 390 2.79 52.64 15.91
C LYS A 390 1.28 52.92 15.95
N THR A 391 0.75 53.25 17.12
CA THR A 391 -0.70 53.35 17.33
C THR A 391 -1.33 54.60 16.69
N ARG A 392 -2.31 55.17 17.39
CA ARG A 392 -2.96 56.39 16.92
C ARG A 392 -2.07 57.60 17.16
N ALA A 393 -1.42 57.63 18.31
CA ALA A 393 -0.48 58.70 18.64
C ALA A 393 0.88 58.39 18.06
N GLY A 394 1.63 57.51 18.72
CA GLY A 394 2.94 57.12 18.25
C GLY A 394 3.80 56.47 19.31
N GLY A 395 3.25 55.47 20.01
CA GLY A 395 4.00 54.70 20.96
C GLY A 395 4.18 53.27 20.47
N THR A 396 5.15 52.57 21.04
CA THR A 396 5.41 51.19 20.67
C THR A 396 4.20 50.31 21.00
N VAL A 397 3.81 49.47 20.05
CA VAL A 397 2.59 48.67 20.19
C VAL A 397 2.81 47.38 20.98
N LYS A 398 2.12 47.25 22.11
CA LYS A 398 2.16 46.03 22.91
C LYS A 398 1.59 44.87 22.10
N LEU A 399 2.28 43.74 22.12
CA LEU A 399 1.78 42.55 21.42
C LEU A 399 0.48 42.09 22.07
N ALA A 400 0.44 42.13 23.40
CA ALA A 400 -0.75 41.73 24.14
C ALA A 400 -1.97 42.56 23.75
N ASP A 401 -1.73 43.82 23.37
CA ASP A 401 -2.80 44.71 22.93
C ASP A 401 -3.21 44.43 21.49
N LEU A 402 -2.22 44.11 20.65
CA LEU A 402 -2.48 43.80 19.25
C LEU A 402 -3.32 42.54 19.13
N LEU A 403 -3.04 41.56 19.99
CA LEU A 403 -3.79 40.32 20.01
C LEU A 403 -5.19 40.54 20.55
N ASP A 404 -5.31 41.45 21.51
CA ASP A 404 -6.61 41.78 22.11
C ASP A 404 -7.57 42.33 21.06
N GLU A 405 -7.07 43.23 20.22
CA GLU A 405 -7.90 43.85 19.18
C GLU A 405 -8.19 42.86 18.05
N ALA A 406 -7.25 41.95 17.82
CA ALA A 406 -7.41 40.94 16.78
C ALA A 406 -8.57 39.99 17.12
N LEU A 407 -8.68 39.64 18.39
CA LEU A 407 -9.78 38.79 18.86
C LEU A 407 -11.10 39.57 18.84
N GLU A 408 -11.06 40.83 19.25
CA GLU A 408 -12.25 41.65 19.31
C GLU A 408 -12.81 41.97 17.93
N ARG A 409 -11.93 42.20 16.96
CA ARG A 409 -12.34 42.42 15.58
C ARG A 409 -12.87 41.12 14.97
N ALA A 410 -12.26 40.00 15.36
CA ALA A 410 -12.66 38.69 14.83
C ALA A 410 -14.03 38.25 15.33
N ARG A 411 -14.33 38.57 16.59
CA ARG A 411 -15.63 38.25 17.18
C ARG A 411 -16.75 38.94 16.42
N ARG A 412 -16.49 40.18 16.02
CA ARG A 412 -17.46 40.95 15.24
C ARG A 412 -17.58 40.41 13.82
N LEU A 413 -16.44 40.19 13.18
CA LEU A 413 -16.39 39.70 11.81
C LEU A 413 -17.10 38.37 11.64
N VAL A 414 -17.01 37.54 12.67
CA VAL A 414 -17.66 36.23 12.63
C VAL A 414 -19.15 36.36 13.00
N ALA A 415 -19.47 37.41 13.76
CA ALA A 415 -20.85 37.69 14.12
C ALA A 415 -21.58 38.37 12.96
N GLU A 416 -20.82 38.82 11.98
CA GLU A 416 -21.35 39.40 10.75
C GLU A 416 -22.26 38.39 10.07
N LYS A 417 -21.66 37.27 9.67
CA LYS A 417 -22.40 36.15 9.10
C LYS A 417 -22.92 35.24 10.22
N ASN A 418 -23.46 35.86 11.27
CA ASN A 418 -23.83 35.19 12.53
C ASN A 418 -22.77 34.28 13.19
N PRO A 419 -22.67 32.98 12.82
CA PRO A 419 -23.44 31.95 12.12
C PRO A 419 -24.27 31.15 13.11
N ASP A 420 -24.25 31.61 14.37
CA ASP A 420 -24.99 31.00 15.48
C ASP A 420 -24.52 29.58 15.82
N MET A 421 -23.85 29.46 16.96
CA MET A 421 -23.33 28.20 17.47
C MET A 421 -23.22 28.31 18.99
N PRO A 422 -22.92 27.20 19.69
CA PRO A 422 -22.73 27.30 21.15
C PRO A 422 -21.62 28.29 21.54
N ALA A 423 -21.66 28.74 22.79
CA ALA A 423 -20.77 29.78 23.29
C ALA A 423 -19.28 29.47 23.16
N ASP A 424 -18.87 28.30 23.66
CA ASP A 424 -17.46 27.93 23.69
C ASP A 424 -16.88 27.76 22.28
N GLU A 425 -17.65 27.14 21.40
CA GLU A 425 -17.21 26.89 20.03
C GLU A 425 -17.05 28.20 19.26
N LEU A 426 -17.88 29.18 19.60
CA LEU A 426 -17.82 30.49 18.95
C LEU A 426 -16.61 31.28 19.45
N GLU A 427 -16.10 30.92 20.62
CA GLU A 427 -14.88 31.51 21.14
C GLU A 427 -13.69 30.97 20.37
N LYS A 428 -13.64 29.64 20.23
CA LYS A 428 -12.58 28.96 19.51
C LYS A 428 -12.51 29.42 18.06
N LEU A 429 -13.65 29.81 17.52
CA LEU A 429 -13.75 30.24 16.12
C LEU A 429 -13.12 31.61 15.90
N ALA A 430 -13.41 32.55 16.78
CA ALA A 430 -12.86 33.89 16.68
C ALA A 430 -11.35 33.86 16.91
N ASN A 431 -10.93 33.07 17.90
CA ASN A 431 -9.52 32.91 18.22
C ASN A 431 -8.72 32.39 17.03
N ALA A 432 -9.28 31.38 16.36
CA ALA A 432 -8.61 30.81 15.19
C ALA A 432 -8.54 31.83 14.05
N VAL A 433 -9.60 32.59 13.88
CA VAL A 433 -9.67 33.59 12.82
C VAL A 433 -8.78 34.81 13.09
N GLY A 434 -8.92 35.38 14.29
CA GLY A 434 -8.16 36.56 14.66
C GLY A 434 -6.65 36.35 14.65
N ILE A 435 -6.19 35.42 15.48
CA ILE A 435 -4.76 35.12 15.57
C ILE A 435 -4.25 34.47 14.28
N GLY A 436 -5.10 33.68 13.63
CA GLY A 436 -4.77 33.10 12.35
C GLY A 436 -4.49 34.18 11.31
N ALA A 437 -5.28 35.25 11.36
CA ALA A 437 -5.13 36.37 10.43
C ALA A 437 -3.82 37.12 10.67
N VAL A 438 -3.52 37.37 11.94
CA VAL A 438 -2.27 38.04 12.31
C VAL A 438 -1.06 37.31 11.75
N LYS A 439 -1.04 36.00 11.92
CA LYS A 439 0.11 35.19 11.51
C LYS A 439 0.14 34.99 10.00
N TYR A 440 -1.03 34.79 9.39
CA TYR A 440 -1.10 34.50 7.96
C TYR A 440 -0.81 35.73 7.10
N ALA A 441 -1.30 36.88 7.53
CA ALA A 441 -1.04 38.14 6.81
C ALA A 441 0.46 38.40 6.70
N ASP A 442 1.20 38.00 7.72
CA ASP A 442 2.65 38.09 7.69
C ASP A 442 3.22 37.02 6.77
N LEU A 443 2.88 35.77 7.08
CA LEU A 443 3.48 34.61 6.42
C LEU A 443 3.18 34.55 4.91
N SER A 444 2.06 35.11 4.49
CA SER A 444 1.64 35.03 3.09
C SER A 444 2.44 35.95 2.17
N LYS A 445 3.27 36.80 2.77
CA LYS A 445 4.06 37.76 2.00
C LYS A 445 5.55 37.42 2.08
N ASN A 446 6.25 37.56 0.96
CA ASN A 446 7.69 37.35 0.90
C ASN A 446 8.38 38.15 2.00
N ARG A 447 8.98 37.43 2.95
CA ARG A 447 9.53 38.03 4.18
C ARG A 447 10.44 39.22 3.94
N THR A 448 11.26 39.14 2.89
CA THR A 448 12.22 40.20 2.58
C THR A 448 11.55 41.55 2.30
N THR A 449 10.32 41.50 1.80
CA THR A 449 9.56 42.71 1.48
C THR A 449 9.07 43.42 2.74
N ASP A 450 9.07 44.75 2.73
CA ASP A 450 8.48 45.51 3.82
C ASP A 450 6.99 45.20 3.93
N TYR A 451 6.51 45.01 5.15
CA TYR A 451 5.15 44.53 5.38
C TYR A 451 4.24 45.63 5.93
N ILE A 452 3.17 45.91 5.18
CA ILE A 452 2.21 46.93 5.57
C ILE A 452 1.01 46.30 6.29
N PHE A 453 0.86 46.62 7.57
CA PHE A 453 -0.24 46.08 8.36
C PHE A 453 -1.58 46.68 7.93
N ASP A 454 -2.58 45.82 7.76
CA ASP A 454 -3.89 46.27 7.31
C ASP A 454 -4.98 45.36 7.87
N TRP A 455 -5.73 45.87 8.84
CA TRP A 455 -6.80 45.11 9.48
C TRP A 455 -7.85 44.60 8.50
N ASP A 456 -8.25 45.47 7.57
CA ASP A 456 -9.32 45.15 6.63
C ASP A 456 -8.99 44.00 5.70
N ASN A 457 -7.77 44.00 5.16
CA ASN A 457 -7.35 42.97 4.22
C ASN A 457 -7.05 41.62 4.88
N MET A 458 -6.42 41.65 6.05
CA MET A 458 -6.01 40.43 6.74
C MET A 458 -7.19 39.61 7.25
N LEU A 459 -8.33 40.27 7.44
CA LEU A 459 -9.51 39.60 8.00
C LEU A 459 -10.66 39.43 7.00
N ALA A 460 -10.36 39.61 5.73
CA ALA A 460 -11.38 39.44 4.69
C ALA A 460 -11.50 37.99 4.26
N PHE A 461 -12.69 37.58 3.85
CA PHE A 461 -12.92 36.23 3.37
C PHE A 461 -12.63 36.12 1.88
N GLU A 462 -12.10 37.19 1.30
CA GLU A 462 -11.69 37.19 -0.10
C GLU A 462 -10.16 37.25 -0.17
N GLY A 463 -9.58 36.61 -1.18
CA GLY A 463 -8.13 36.63 -1.37
C GLY A 463 -7.43 35.66 -0.45
N ASN A 464 -6.10 35.58 -0.57
CA ASN A 464 -5.34 34.64 0.24
C ASN A 464 -5.13 35.14 1.67
N THR A 465 -6.15 34.92 2.50
CA THR A 465 -6.09 35.27 3.91
C THR A 465 -6.38 34.04 4.75
N ALA A 466 -6.13 34.13 6.05
CA ALA A 466 -6.46 33.03 6.96
C ALA A 466 -7.96 32.69 7.02
N PRO A 467 -8.83 33.70 7.15
CA PRO A 467 -10.26 33.37 7.18
C PRO A 467 -10.76 32.71 5.89
N TYR A 468 -10.18 33.07 4.75
CA TYR A 468 -10.53 32.41 3.49
C TYR A 468 -10.08 30.95 3.53
N MET A 469 -8.85 30.74 3.97
CA MET A 469 -8.29 29.39 4.06
C MET A 469 -9.09 28.54 5.04
N GLN A 470 -9.41 29.11 6.19
CA GLN A 470 -10.16 28.39 7.20
C GLN A 470 -11.59 28.09 6.74
N TYR A 471 -12.18 29.00 5.97
CA TYR A 471 -13.52 28.78 5.44
C TYR A 471 -13.50 27.71 4.34
N ALA A 472 -12.53 27.80 3.44
CA ALA A 472 -12.40 26.80 2.37
C ALA A 472 -12.21 25.41 2.97
N TYR A 473 -11.47 25.32 4.06
CA TYR A 473 -11.28 24.06 4.75
C TYR A 473 -12.62 23.48 5.23
N THR A 474 -13.49 24.33 5.75
CA THR A 474 -14.78 23.89 6.26
C THR A 474 -15.71 23.40 5.15
N ARG A 475 -15.59 23.99 3.97
CA ARG A 475 -16.39 23.56 2.83
C ARG A 475 -15.89 22.21 2.30
N VAL A 476 -14.60 21.95 2.48
CA VAL A 476 -14.02 20.66 2.13
C VAL A 476 -14.56 19.58 3.06
N LEU A 477 -14.65 19.91 4.35
CA LEU A 477 -15.17 18.97 5.34
C LEU A 477 -16.66 18.66 5.14
N SER A 478 -17.44 19.67 4.75
CA SER A 478 -18.89 19.54 4.71
C SER A 478 -19.37 18.61 3.59
N VAL A 479 -18.49 18.29 2.64
CA VAL A 479 -18.83 17.35 1.59
C VAL A 479 -18.50 15.92 2.02
N PHE A 480 -17.58 15.79 2.98
CA PHE A 480 -17.24 14.49 3.52
C PHE A 480 -18.12 14.20 4.73
N ARG A 481 -19.34 13.73 4.48
CA ARG A 481 -20.31 13.50 5.55
C ARG A 481 -20.28 12.05 6.03
N LYS A 482 -19.63 11.84 7.17
CA LYS A 482 -19.47 10.52 7.78
C LYS A 482 -20.76 9.72 7.87
N ALA A 483 -21.86 10.39 8.21
CA ALA A 483 -23.13 9.73 8.44
C ALA A 483 -23.71 9.11 7.16
N GLU A 484 -23.24 9.58 6.01
CA GLU A 484 -23.74 9.11 4.72
C GLU A 484 -22.67 8.35 3.95
N ILE A 485 -21.59 8.01 4.64
CA ILE A 485 -20.47 7.32 4.01
C ILE A 485 -20.13 6.01 4.71
N ASP A 486 -20.14 4.92 3.96
CA ASP A 486 -19.63 3.64 4.45
C ASP A 486 -18.11 3.76 4.48
N GLU A 487 -17.57 4.08 5.66
CA GLU A 487 -16.15 4.41 5.78
C GLU A 487 -15.20 3.22 5.55
N GLU A 488 -15.64 2.02 5.94
CA GLU A 488 -14.84 0.83 5.72
C GLU A 488 -14.80 0.48 4.24
N GLN A 489 -15.92 0.67 3.56
CA GLN A 489 -16.02 0.43 2.13
C GLN A 489 -15.22 1.48 1.36
N LEU A 490 -15.23 2.70 1.88
CA LEU A 490 -14.48 3.79 1.27
C LEU A 490 -12.97 3.56 1.40
N ALA A 491 -12.54 3.19 2.60
CA ALA A 491 -11.12 2.99 2.89
C ALA A 491 -10.53 1.85 2.07
N ALA A 492 -11.37 0.90 1.70
CA ALA A 492 -10.94 -0.23 0.88
C ALA A 492 -11.09 0.08 -0.61
N ALA A 493 -11.83 1.14 -0.90
CA ALA A 493 -12.10 1.52 -2.29
C ALA A 493 -10.89 2.18 -2.95
N PRO A 494 -10.76 2.03 -4.28
CA PRO A 494 -9.63 2.60 -5.01
C PRO A 494 -9.89 4.03 -5.45
N VAL A 495 -8.83 4.70 -5.90
CA VAL A 495 -8.96 5.98 -6.56
C VAL A 495 -8.87 5.77 -8.06
N ILE A 496 -9.87 6.26 -8.78
CA ILE A 496 -9.88 6.16 -10.24
C ILE A 496 -9.99 7.56 -10.83
N ILE A 497 -8.89 8.04 -11.42
CA ILE A 497 -8.83 9.40 -11.95
C ILE A 497 -9.20 9.41 -13.44
N ARG A 498 -10.31 10.06 -13.77
CA ARG A 498 -10.82 10.04 -15.14
C ARG A 498 -10.92 11.42 -15.80
N GLU A 499 -11.22 12.45 -15.01
CA GLU A 499 -11.35 13.79 -15.55
C GLU A 499 -10.10 14.64 -15.31
N ASP A 500 -9.92 15.65 -16.17
CA ASP A 500 -8.75 16.51 -16.08
C ASP A 500 -8.68 17.27 -14.75
N ARG A 501 -9.83 17.67 -14.23
CA ARG A 501 -9.87 18.38 -12.95
C ARG A 501 -9.48 17.48 -11.78
N GLU A 502 -9.85 16.20 -11.87
CA GLU A 502 -9.46 15.23 -10.86
C GLU A 502 -7.95 15.04 -10.88
N ALA A 503 -7.41 14.87 -12.09
CA ALA A 503 -5.97 14.70 -12.28
C ALA A 503 -5.19 15.93 -11.82
N GLN A 504 -5.73 17.11 -12.08
CA GLN A 504 -5.08 18.36 -11.68
C GLN A 504 -5.01 18.45 -10.16
N LEU A 505 -6.14 18.20 -9.51
CA LEU A 505 -6.19 18.24 -8.05
C LEU A 505 -5.24 17.23 -7.43
N ALA A 506 -5.29 15.99 -7.91
CA ALA A 506 -4.46 14.91 -7.38
C ALA A 506 -2.98 15.25 -7.48
N ALA A 507 -2.56 15.74 -8.66
CA ALA A 507 -1.18 16.12 -8.88
C ALA A 507 -0.76 17.26 -7.96
N ARG A 508 -1.65 18.22 -7.76
CA ARG A 508 -1.36 19.35 -6.88
C ARG A 508 -1.25 18.89 -5.43
N LEU A 509 -2.11 17.96 -5.04
CA LEU A 509 -2.08 17.36 -3.71
C LEU A 509 -0.76 16.64 -3.45
N LEU A 510 -0.20 16.04 -4.51
CA LEU A 510 1.02 15.26 -4.38
C LEU A 510 2.27 16.14 -4.48
N GLN A 511 2.06 17.43 -4.67
CA GLN A 511 3.16 18.40 -4.68
C GLN A 511 3.33 19.07 -3.32
N PHE A 512 2.63 18.52 -2.32
CA PHE A 512 2.74 19.03 -0.96
C PHE A 512 4.18 18.91 -0.48
N GLU A 513 4.81 17.77 -0.77
CA GLU A 513 6.18 17.53 -0.35
C GLU A 513 7.18 18.52 -0.96
N GLU A 514 7.11 18.74 -2.28
CA GLU A 514 8.08 19.62 -2.93
C GLU A 514 7.87 21.09 -2.58
N THR A 515 6.69 21.41 -2.05
CA THR A 515 6.45 22.74 -1.51
C THR A 515 7.20 22.88 -0.18
N LEU A 516 7.08 21.87 0.67
CA LEU A 516 7.79 21.84 1.95
C LEU A 516 9.30 21.88 1.73
N THR A 517 9.77 21.20 0.69
CA THR A 517 11.18 21.13 0.38
C THR A 517 11.74 22.52 0.06
N VAL A 518 10.94 23.32 -0.63
CA VAL A 518 11.30 24.70 -0.94
C VAL A 518 11.29 25.57 0.33
N VAL A 519 10.25 25.42 1.15
CA VAL A 519 10.13 26.18 2.38
C VAL A 519 11.32 25.93 3.32
N ALA A 520 11.67 24.66 3.49
CA ALA A 520 12.79 24.29 4.34
C ALA A 520 14.12 24.83 3.82
N ARG A 521 14.26 24.83 2.49
CA ARG A 521 15.52 25.24 1.87
C ARG A 521 15.73 26.76 1.90
N GLU A 522 14.68 27.52 1.59
CA GLU A 522 14.80 28.96 1.43
C GLU A 522 14.36 29.72 2.68
N GLY A 523 13.60 29.05 3.54
CA GLY A 523 13.05 29.70 4.73
C GLY A 523 11.98 30.70 4.35
N THR A 524 11.14 30.30 3.40
CA THR A 524 10.12 31.21 2.86
C THR A 524 8.73 30.58 2.90
N PRO A 525 8.05 30.70 4.05
CA PRO A 525 6.70 30.14 4.25
C PRO A 525 5.65 30.71 3.29
N HIS A 526 5.95 31.81 2.61
CA HIS A 526 4.99 32.38 1.67
C HIS A 526 4.77 31.47 0.46
N VAL A 527 5.70 30.54 0.24
CA VAL A 527 5.57 29.56 -0.82
C VAL A 527 4.50 28.54 -0.42
N MET A 528 4.41 28.27 0.88
CA MET A 528 3.39 27.39 1.42
C MET A 528 2.01 28.03 1.36
N CYS A 529 1.94 29.32 1.71
CA CYS A 529 0.69 30.07 1.64
C CYS A 529 0.13 30.08 0.23
N ALA A 530 1.01 30.30 -0.75
CA ALA A 530 0.61 30.32 -2.15
C ALA A 530 0.12 28.95 -2.62
N TYR A 531 0.78 27.89 -2.15
CA TYR A 531 0.38 26.52 -2.50
C TYR A 531 -1.05 26.20 -2.03
N LEU A 532 -1.30 26.42 -0.73
CA LEU A 532 -2.59 26.12 -0.14
C LEU A 532 -3.72 26.89 -0.84
N TYR A 533 -3.44 28.13 -1.22
CA TYR A 533 -4.41 28.96 -1.92
C TYR A 533 -4.72 28.41 -3.31
N ASP A 534 -3.70 27.92 -3.99
CA ASP A 534 -3.89 27.32 -5.31
C ASP A 534 -4.64 26.01 -5.15
N LEU A 535 -4.33 25.30 -4.07
CA LEU A 535 -5.00 24.03 -3.76
C LEU A 535 -6.49 24.24 -3.47
N ALA A 536 -6.81 25.24 -2.67
CA ALA A 536 -8.19 25.57 -2.36
C ALA A 536 -8.95 25.98 -3.62
N GLY A 537 -8.27 26.64 -4.54
CA GLY A 537 -8.88 27.04 -5.79
C GLY A 537 -9.16 25.87 -6.70
N LEU A 538 -8.20 24.93 -6.77
CA LEU A 538 -8.37 23.74 -7.58
C LEU A 538 -9.48 22.83 -7.05
N PHE A 539 -9.67 22.82 -5.74
CA PHE A 539 -10.73 22.02 -5.15
C PHE A 539 -12.10 22.58 -5.53
N SER A 540 -12.20 23.90 -5.49
CA SER A 540 -13.45 24.58 -5.84
C SER A 540 -13.88 24.24 -7.26
N GLY A 541 -12.94 24.31 -8.19
CA GLY A 541 -13.21 23.96 -9.58
C GLY A 541 -13.60 22.50 -9.67
N PHE A 542 -12.96 21.68 -8.86
CA PHE A 542 -13.27 20.25 -8.79
C PHE A 542 -14.67 20.04 -8.21
N TYR A 543 -14.98 20.79 -7.15
CA TYR A 543 -16.26 20.66 -6.47
C TYR A 543 -17.43 21.06 -7.37
N GLU A 544 -17.27 22.15 -8.12
CA GLU A 544 -18.36 22.69 -8.91
C GLU A 544 -18.55 21.98 -10.26
N HIS A 545 -17.57 21.18 -10.67
CA HIS A 545 -17.66 20.49 -11.95
C HIS A 545 -17.81 18.98 -11.80
N CYS A 546 -17.45 18.45 -10.64
CA CYS A 546 -17.49 17.00 -10.41
C CYS A 546 -18.35 16.65 -9.20
N PRO A 547 -19.52 16.03 -9.45
CA PRO A 547 -20.40 15.54 -8.39
C PRO A 547 -19.68 14.55 -7.48
N ILE A 548 -19.74 14.80 -6.17
CA ILE A 548 -19.03 13.98 -5.21
C ILE A 548 -19.99 13.02 -4.50
N LEU A 549 -20.75 13.54 -3.54
CA LEU A 549 -21.76 12.76 -2.83
C LEU A 549 -22.85 12.31 -3.79
N SER A 550 -23.10 13.12 -4.81
CA SER A 550 -24.16 12.85 -5.78
C SER A 550 -23.61 12.23 -7.06
N ALA A 551 -22.45 11.60 -6.96
CA ALA A 551 -21.82 10.94 -8.11
C ALA A 551 -22.73 9.88 -8.71
N GLU A 552 -22.50 9.58 -9.99
CA GLU A 552 -23.39 8.70 -10.75
C GLU A 552 -23.36 7.25 -10.27
N ASN A 553 -22.20 6.81 -9.82
CA ASN A 553 -22.06 5.46 -9.30
C ASN A 553 -21.12 5.39 -8.09
N GLU A 554 -21.01 4.22 -7.49
CA GLU A 554 -20.28 4.07 -6.23
C GLU A 554 -18.76 4.18 -6.38
N GLU A 555 -18.22 3.74 -7.50
CA GLU A 555 -16.78 3.82 -7.75
C GLU A 555 -16.30 5.26 -7.83
N VAL A 556 -17.06 6.10 -8.55
CA VAL A 556 -16.71 7.50 -8.71
C VAL A 556 -16.95 8.27 -7.41
N ARG A 557 -18.04 7.93 -6.72
CA ARG A 557 -18.37 8.56 -5.45
C ARG A 557 -17.27 8.34 -4.42
N ASN A 558 -16.86 7.07 -4.26
CA ASN A 558 -15.79 6.74 -3.34
C ASN A 558 -14.45 7.36 -3.73
N SER A 559 -14.17 7.41 -5.02
CA SER A 559 -12.91 7.95 -5.52
C SER A 559 -12.82 9.45 -5.27
N ARG A 560 -13.91 10.17 -5.56
CA ARG A 560 -13.93 11.61 -5.37
C ARG A 560 -13.98 12.00 -3.90
N LEU A 561 -14.59 11.17 -3.07
CA LEU A 561 -14.58 11.40 -1.63
C LEU A 561 -13.17 11.30 -1.06
N LYS A 562 -12.36 10.42 -1.64
CA LYS A 562 -10.97 10.25 -1.21
C LYS A 562 -10.11 11.45 -1.61
N LEU A 563 -10.38 12.00 -2.80
CA LEU A 563 -9.71 13.23 -3.23
C LEU A 563 -10.06 14.37 -2.30
N ALA A 564 -11.33 14.45 -1.92
CA ALA A 564 -11.81 15.46 -0.99
C ALA A 564 -11.18 15.23 0.39
N GLN A 565 -11.06 13.97 0.76
CA GLN A 565 -10.49 13.60 2.04
C GLN A 565 -9.02 14.02 2.13
N LEU A 566 -8.27 13.76 1.06
CA LEU A 566 -6.86 14.12 1.02
C LEU A 566 -6.67 15.63 0.95
N THR A 567 -7.63 16.31 0.32
CA THR A 567 -7.60 17.76 0.25
C THR A 567 -7.71 18.35 1.66
N ALA A 568 -8.65 17.82 2.45
CA ALA A 568 -8.81 18.24 3.84
C ALA A 568 -7.56 17.99 4.66
N LYS A 569 -7.00 16.79 4.56
CA LYS A 569 -5.80 16.43 5.31
C LYS A 569 -4.61 17.32 4.94
N THR A 570 -4.50 17.65 3.66
CA THR A 570 -3.38 18.45 3.17
C THR A 570 -3.51 19.90 3.59
N LEU A 571 -4.72 20.45 3.50
CA LEU A 571 -4.96 21.82 3.91
C LEU A 571 -4.70 21.99 5.40
N LYS A 572 -5.16 21.02 6.20
CA LYS A 572 -5.00 21.10 7.65
C LYS A 572 -3.54 20.94 8.08
N LEU A 573 -2.82 20.05 7.41
CA LEU A 573 -1.42 19.81 7.74
C LEU A 573 -0.55 20.98 7.28
N GLY A 574 -0.84 21.50 6.08
CA GLY A 574 -0.13 22.65 5.56
C GLY A 574 -0.30 23.86 6.44
N LEU A 575 -1.54 24.15 6.82
CA LEU A 575 -1.84 25.27 7.71
C LEU A 575 -1.19 25.08 9.08
N ASP A 576 -1.03 23.83 9.49
CA ASP A 576 -0.38 23.52 10.76
C ASP A 576 1.11 23.84 10.73
N THR A 577 1.74 23.68 9.57
CA THR A 577 3.15 24.01 9.44
C THR A 577 3.37 25.52 9.50
N LEU A 578 2.30 26.28 9.23
CA LEU A 578 2.34 27.73 9.37
C LEU A 578 1.95 28.14 10.78
N GLY A 579 1.40 27.18 11.53
CA GLY A 579 0.94 27.46 12.89
C GLY A 579 -0.44 28.08 12.90
N ILE A 580 -1.24 27.74 11.89
CA ILE A 580 -2.60 28.27 11.77
C ILE A 580 -3.62 27.22 12.20
N GLU A 581 -4.51 27.60 13.12
CA GLU A 581 -5.54 26.69 13.62
C GLU A 581 -6.73 26.62 12.67
N THR A 582 -7.37 25.46 12.62
CA THR A 582 -8.57 25.28 11.81
C THR A 582 -9.76 24.91 12.68
N VAL A 583 -10.97 25.11 12.16
CA VAL A 583 -12.18 24.72 12.86
C VAL A 583 -13.01 23.78 11.99
N GLU A 584 -13.86 22.97 12.62
CA GLU A 584 -14.67 22.00 11.90
C GLU A 584 -15.70 22.71 11.01
N ARG A 585 -16.48 23.59 11.60
CA ARG A 585 -17.49 24.33 10.87
C ARG A 585 -17.41 25.82 11.21
N MET A 586 -18.10 26.63 10.42
CA MET A 586 -18.05 28.08 10.58
C MET A 586 -19.45 28.69 10.47
N HIS B 3 12.51 -34.57 20.77
CA HIS B 3 13.95 -34.48 20.56
C HIS B 3 14.30 -33.45 19.48
N HIS B 4 14.52 -33.93 18.27
CA HIS B 4 14.97 -33.09 17.16
C HIS B 4 14.04 -33.21 15.96
N HIS B 5 14.32 -32.41 14.94
CA HIS B 5 13.55 -32.44 13.69
C HIS B 5 13.96 -33.63 12.82
N HIS B 6 12.99 -34.21 12.12
CA HIS B 6 13.25 -35.32 11.21
C HIS B 6 12.91 -34.97 9.76
N GLY B 7 13.76 -35.40 8.83
CA GLY B 7 13.54 -35.13 7.43
C GLY B 7 13.94 -33.71 7.06
N GLY B 8 13.31 -33.18 6.03
CA GLY B 8 13.65 -31.86 5.54
C GLY B 8 12.61 -30.82 5.88
N ALA B 9 12.41 -29.89 4.95
CA ALA B 9 11.50 -28.78 5.18
C ALA B 9 10.06 -29.25 5.32
N MET B 10 9.34 -28.69 6.28
CA MET B 10 7.92 -28.95 6.44
C MET B 10 7.18 -27.62 6.50
N ASN B 11 5.91 -27.61 6.10
CA ASN B 11 5.11 -26.41 6.28
C ASN B 11 4.81 -26.20 7.77
N ILE B 12 4.34 -25.02 8.11
CA ILE B 12 4.12 -24.65 9.50
C ILE B 12 3.22 -25.64 10.25
N GLN B 13 2.12 -26.03 9.62
CA GLN B 13 1.16 -26.96 10.23
C GLN B 13 1.83 -28.31 10.53
N ALA B 14 2.59 -28.82 9.58
CA ALA B 14 3.31 -30.08 9.77
C ALA B 14 4.43 -29.92 10.79
N LEU B 15 5.06 -28.74 10.80
CA LEU B 15 6.11 -28.48 11.78
C LEU B 15 5.56 -28.46 13.19
N LEU B 16 4.45 -27.77 13.38
CA LEU B 16 3.80 -27.71 14.69
C LEU B 16 3.30 -29.09 15.08
N SER B 17 2.80 -29.83 14.09
CA SER B 17 2.33 -31.21 14.30
C SER B 17 3.44 -32.10 14.83
N GLU B 18 4.66 -31.93 14.30
CA GLU B 18 5.80 -32.73 14.74
C GLU B 18 6.16 -32.46 16.19
N LYS B 19 6.23 -31.19 16.57
CA LYS B 19 6.65 -30.80 17.90
C LYS B 19 5.65 -31.23 18.96
N VAL B 20 4.37 -30.93 18.71
CA VAL B 20 3.30 -31.28 19.64
C VAL B 20 3.18 -32.80 19.79
N ARG B 21 3.40 -33.52 18.69
CA ARG B 21 3.43 -34.99 18.75
C ARG B 21 4.57 -35.47 19.65
N GLN B 22 5.73 -34.81 19.54
CA GLN B 22 6.88 -35.16 20.35
C GLN B 22 6.64 -34.85 21.82
N ALA B 23 5.97 -33.74 22.08
CA ALA B 23 5.70 -33.31 23.46
C ALA B 23 4.67 -34.22 24.15
N MET B 24 3.72 -34.73 23.36
CA MET B 24 2.71 -35.64 23.88
C MET B 24 3.31 -37.01 24.21
N ILE B 25 4.14 -37.52 23.30
CA ILE B 25 4.84 -38.78 23.51
C ILE B 25 5.62 -38.75 24.82
N ALA B 26 6.30 -37.63 25.06
CA ALA B 26 7.10 -37.44 26.27
C ALA B 26 6.21 -37.33 27.51
N ALA B 27 4.97 -36.93 27.32
CA ALA B 27 4.03 -36.79 28.44
C ALA B 27 3.44 -38.13 28.84
N GLY B 28 3.57 -39.12 27.97
CA GLY B 28 3.08 -40.45 28.24
C GLY B 28 2.06 -40.97 27.22
N ALA B 29 2.03 -40.33 26.06
CA ALA B 29 1.09 -40.71 25.01
C ALA B 29 1.73 -41.69 24.03
N PRO B 30 0.92 -42.56 23.40
CA PRO B 30 1.41 -43.50 22.39
C PRO B 30 1.98 -42.79 21.16
N ALA B 31 2.60 -43.55 20.26
CA ALA B 31 3.26 -42.97 19.10
C ALA B 31 2.30 -42.58 17.97
N ASP B 32 1.14 -43.24 17.94
CA ASP B 32 0.15 -42.95 16.90
C ASP B 32 -0.72 -41.74 17.24
N CYS B 33 -0.34 -41.04 18.30
CA CYS B 33 -1.10 -39.88 18.77
C CYS B 33 -1.22 -38.80 17.71
N GLU B 34 -2.38 -38.16 17.66
CA GLU B 34 -2.64 -37.11 16.69
C GLU B 34 -2.90 -35.78 17.40
N PRO B 35 -1.93 -34.85 17.32
CA PRO B 35 -2.02 -33.54 17.96
C PRO B 35 -3.19 -32.70 17.44
N GLN B 36 -3.68 -33.04 16.24
CA GLN B 36 -4.78 -32.33 15.61
C GLN B 36 -4.52 -30.83 15.53
N VAL B 37 -3.32 -30.47 15.10
CA VAL B 37 -2.97 -29.06 14.92
C VAL B 37 -3.69 -28.50 13.70
N ARG B 38 -4.48 -27.46 13.91
CA ARG B 38 -5.16 -26.78 12.82
C ARG B 38 -5.14 -25.28 13.03
N GLN B 39 -5.41 -24.53 11.97
CA GLN B 39 -5.46 -23.07 12.04
C GLN B 39 -6.57 -22.63 12.99
N SER B 40 -6.37 -21.49 13.65
CA SER B 40 -7.37 -20.95 14.55
C SER B 40 -8.42 -20.14 13.78
N ALA B 41 -9.65 -20.13 14.29
CA ALA B 41 -10.73 -19.40 13.65
C ALA B 41 -10.65 -17.90 13.98
N LYS B 42 -10.18 -17.59 15.19
CA LYS B 42 -10.07 -16.20 15.63
C LYS B 42 -8.66 -15.87 16.09
N VAL B 43 -8.31 -14.59 15.99
CA VAL B 43 -6.98 -14.10 16.31
C VAL B 43 -6.58 -14.36 17.77
N GLN B 44 -7.54 -14.22 18.68
CA GLN B 44 -7.32 -14.45 20.11
C GLN B 44 -6.74 -15.84 20.38
N PHE B 45 -7.14 -16.81 19.58
CA PHE B 45 -6.69 -18.20 19.74
C PHE B 45 -5.29 -18.43 19.15
N GLY B 46 -4.62 -17.35 18.75
CA GLY B 46 -3.33 -17.46 18.11
C GLY B 46 -3.47 -17.84 16.65
N ASP B 47 -2.41 -18.37 16.05
CA ASP B 47 -2.43 -18.76 14.65
C ASP B 47 -2.88 -20.20 14.48
N TYR B 48 -2.49 -21.06 15.40
CA TYR B 48 -2.86 -22.47 15.35
C TYR B 48 -3.35 -22.98 16.68
N GLN B 49 -3.97 -24.16 16.66
CA GLN B 49 -4.43 -24.83 17.88
C GLN B 49 -4.21 -26.33 17.76
N ALA B 50 -3.61 -26.92 18.79
CA ALA B 50 -3.58 -28.37 18.89
C ALA B 50 -4.83 -28.80 19.66
N ASN B 51 -5.76 -29.41 18.95
CA ASN B 51 -7.07 -29.74 19.50
C ASN B 51 -7.20 -31.20 19.93
N GLY B 52 -6.10 -31.94 19.89
CA GLY B 52 -6.14 -33.37 20.14
C GLY B 52 -5.91 -33.79 21.57
N MET B 53 -5.83 -32.82 22.47
CA MET B 53 -5.50 -33.11 23.87
C MET B 53 -6.63 -33.83 24.61
N MET B 54 -7.87 -33.56 24.22
CA MET B 54 -9.02 -34.17 24.87
C MET B 54 -9.17 -35.64 24.50
N ALA B 55 -8.98 -35.96 23.22
CA ALA B 55 -9.10 -37.33 22.75
C ALA B 55 -7.94 -38.19 23.25
N VAL B 56 -6.73 -37.64 23.21
CA VAL B 56 -5.54 -38.36 23.66
C VAL B 56 -5.59 -38.67 25.15
N ALA B 57 -5.99 -37.69 25.95
CA ALA B 57 -6.10 -37.87 27.40
C ALA B 57 -7.18 -38.87 27.77
N LYS B 58 -8.21 -38.97 26.92
CA LYS B 58 -9.35 -39.83 27.21
C LYS B 58 -9.01 -41.32 27.03
N LYS B 59 -8.21 -41.63 26.01
CA LYS B 59 -7.73 -42.99 25.81
C LYS B 59 -6.81 -43.40 26.96
N LEU B 60 -6.03 -42.44 27.44
CA LEU B 60 -5.25 -42.62 28.65
C LEU B 60 -6.17 -42.42 29.85
N GLY B 61 -5.62 -42.47 31.06
CA GLY B 61 -6.44 -42.37 32.26
C GLY B 61 -6.39 -41.02 32.95
N MET B 62 -6.57 -39.95 32.19
CA MET B 62 -6.42 -38.61 32.76
C MET B 62 -7.26 -37.53 32.06
N ALA B 63 -7.54 -36.45 32.80
CA ALA B 63 -8.27 -35.31 32.26
C ALA B 63 -7.38 -34.46 31.36
N PRO B 64 -7.96 -33.86 30.30
CA PRO B 64 -7.19 -33.12 29.29
C PRO B 64 -6.42 -31.92 29.81
N ARG B 65 -6.98 -31.18 30.77
CA ARG B 65 -6.31 -30.02 31.34
C ARG B 65 -5.04 -30.42 32.08
N GLN B 66 -5.09 -31.55 32.78
CA GLN B 66 -3.92 -32.09 33.48
C GLN B 66 -2.82 -32.43 32.47
N LEU B 67 -3.21 -33.08 31.38
CA LEU B 67 -2.27 -33.47 30.34
C LEU B 67 -1.69 -32.24 29.64
N ALA B 68 -2.56 -31.29 29.34
CA ALA B 68 -2.18 -30.08 28.61
C ALA B 68 -1.04 -29.32 29.28
N GLU B 69 -1.13 -29.15 30.60
CA GLU B 69 -0.10 -28.47 31.36
C GLU B 69 1.20 -29.28 31.39
N GLN B 70 1.05 -30.60 31.31
CA GLN B 70 2.20 -31.50 31.26
C GLN B 70 2.88 -31.46 29.89
N VAL B 71 2.08 -31.57 28.84
CA VAL B 71 2.58 -31.54 27.47
C VAL B 71 3.32 -30.23 27.20
N LEU B 72 2.88 -29.16 27.85
CA LEU B 72 3.48 -27.84 27.68
C LEU B 72 4.92 -27.80 28.16
N THR B 73 5.20 -28.50 29.25
CA THR B 73 6.53 -28.50 29.85
C THR B 73 7.56 -29.22 28.97
N HIS B 74 7.07 -29.99 28.00
CA HIS B 74 7.93 -30.72 27.08
C HIS B 74 7.81 -30.15 25.67
N LEU B 75 6.93 -29.16 25.52
CA LEU B 75 6.70 -28.53 24.23
C LEU B 75 7.79 -27.51 23.89
N ASP B 76 8.54 -27.79 22.83
CA ASP B 76 9.66 -26.93 22.44
C ASP B 76 9.35 -26.18 21.14
N LEU B 77 8.93 -24.92 21.28
CA LEU B 77 8.56 -24.11 20.13
C LEU B 77 9.35 -22.80 20.02
N ASN B 78 10.50 -22.74 20.66
CA ASN B 78 11.35 -21.55 20.55
C ASN B 78 11.99 -21.44 19.18
N GLY B 79 11.88 -20.27 18.56
CA GLY B 79 12.32 -20.07 17.19
C GLY B 79 11.16 -20.26 16.24
N ILE B 80 10.03 -20.73 16.77
CA ILE B 80 8.83 -20.96 15.98
C ILE B 80 7.65 -20.16 16.53
N ALA B 81 7.41 -20.29 17.83
CA ALA B 81 6.28 -19.59 18.46
C ALA B 81 6.73 -18.59 19.52
N SER B 82 6.11 -17.42 19.53
CA SER B 82 6.43 -16.38 20.51
C SER B 82 5.66 -16.59 21.80
N LYS B 83 4.52 -17.27 21.70
CA LYS B 83 3.66 -17.50 22.86
C LYS B 83 2.90 -18.81 22.74
N VAL B 84 2.79 -19.51 23.86
CA VAL B 84 2.06 -20.77 23.92
C VAL B 84 1.26 -20.80 25.23
N GLU B 85 0.00 -21.20 25.15
CA GLU B 85 -0.88 -21.15 26.32
C GLU B 85 -2.05 -22.14 26.25
N ILE B 86 -2.45 -22.62 27.42
CA ILE B 86 -3.57 -23.55 27.54
C ILE B 86 -4.89 -22.79 27.49
N ALA B 87 -5.82 -23.27 26.66
CA ALA B 87 -7.12 -22.63 26.52
C ALA B 87 -8.24 -23.55 26.98
N GLY B 88 -9.01 -23.09 27.97
CA GLY B 88 -10.14 -23.85 28.47
C GLY B 88 -9.79 -25.22 29.00
N PRO B 89 -10.40 -26.27 28.42
CA PRO B 89 -10.26 -27.66 28.87
C PRO B 89 -9.06 -28.38 28.26
N GLY B 90 -8.03 -27.67 27.84
CA GLY B 90 -6.83 -28.31 27.35
C GLY B 90 -6.42 -27.96 25.94
N PHE B 91 -7.12 -27.01 25.33
CA PHE B 91 -6.70 -26.50 24.03
C PHE B 91 -5.40 -25.72 24.20
N ILE B 92 -4.41 -26.02 23.37
CA ILE B 92 -3.19 -25.25 23.38
C ILE B 92 -3.15 -24.29 22.19
N ASN B 93 -3.08 -23.01 22.49
CA ASN B 93 -3.05 -21.98 21.46
C ASN B 93 -1.61 -21.56 21.15
N ILE B 94 -1.29 -21.52 19.87
CA ILE B 94 0.08 -21.28 19.43
C ILE B 94 0.21 -19.96 18.68
N PHE B 95 1.01 -19.06 19.24
CA PHE B 95 1.25 -17.75 18.64
C PHE B 95 2.64 -17.75 18.00
N LEU B 96 2.67 -17.64 16.68
CA LEU B 96 3.92 -17.72 15.92
C LEU B 96 4.86 -16.54 16.16
N ASP B 97 6.17 -16.82 16.10
CA ASP B 97 7.21 -15.82 16.24
C ASP B 97 7.33 -15.03 14.94
N PRO B 98 7.30 -13.69 15.04
CA PRO B 98 7.40 -12.83 13.85
C PRO B 98 8.74 -13.01 13.12
N ALA B 99 9.80 -13.30 13.86
CA ALA B 99 11.09 -13.59 13.24
C ALA B 99 11.00 -14.89 12.44
N PHE B 100 10.32 -15.87 13.00
CA PHE B 100 10.08 -17.14 12.31
C PHE B 100 9.35 -16.86 10.99
N LEU B 101 8.34 -16.00 11.05
CA LEU B 101 7.56 -15.65 9.87
C LEU B 101 8.40 -14.90 8.83
N ALA B 102 9.22 -13.97 9.30
CA ALA B 102 10.03 -13.13 8.45
C ALA B 102 11.02 -13.95 7.59
N GLU B 103 11.73 -14.87 8.22
CA GLU B 103 12.67 -15.72 7.49
C GLU B 103 11.96 -16.56 6.44
N HIS B 104 10.80 -17.10 6.79
CA HIS B 104 10.06 -17.92 5.83
C HIS B 104 9.44 -17.11 4.69
N VAL B 105 9.10 -15.85 4.96
CA VAL B 105 8.66 -14.95 3.90
C VAL B 105 9.81 -14.72 2.92
N GLN B 106 10.98 -14.40 3.46
CA GLN B 106 12.20 -14.23 2.67
C GLN B 106 12.55 -15.49 1.87
N GLN B 107 12.42 -16.65 2.52
CA GLN B 107 12.75 -17.91 1.87
C GLN B 107 11.76 -18.26 0.77
N ALA B 108 10.51 -17.86 0.97
CA ALA B 108 9.47 -18.09 -0.04
C ALA B 108 9.70 -17.21 -1.26
N LEU B 109 10.16 -15.98 -1.03
CA LEU B 109 10.42 -15.05 -2.12
C LEU B 109 11.63 -15.48 -2.95
N ALA B 110 12.56 -16.18 -2.32
CA ALA B 110 13.75 -16.67 -3.00
C ALA B 110 13.44 -17.84 -3.92
N SER B 111 12.33 -18.52 -3.67
CA SER B 111 11.95 -19.69 -4.45
C SER B 111 10.97 -19.35 -5.57
N ASP B 112 11.16 -19.97 -6.72
CA ASP B 112 10.24 -19.82 -7.84
C ASP B 112 8.90 -20.46 -7.53
N ARG B 113 8.91 -21.47 -6.68
CA ARG B 113 7.69 -22.14 -6.25
C ARG B 113 7.32 -21.79 -4.80
N LEU B 114 7.85 -20.66 -4.34
CA LEU B 114 7.44 -20.07 -3.05
C LEU B 114 7.68 -20.99 -1.87
N GLY B 115 8.69 -21.85 -1.97
CA GLY B 115 9.05 -22.75 -0.90
C GLY B 115 8.13 -23.93 -0.74
N VAL B 116 7.18 -24.09 -1.67
CA VAL B 116 6.26 -25.24 -1.60
C VAL B 116 7.02 -26.54 -1.84
N ALA B 117 6.99 -27.42 -0.85
CA ALA B 117 7.75 -28.66 -0.90
C ALA B 117 7.21 -29.63 -1.94
N THR B 118 8.10 -30.43 -2.53
CA THR B 118 7.70 -31.47 -3.46
C THR B 118 7.52 -32.78 -2.73
N PRO B 119 6.28 -33.31 -2.71
CA PRO B 119 5.98 -34.60 -2.07
C PRO B 119 6.65 -35.75 -2.82
N GLU B 120 6.60 -36.95 -2.24
CA GLU B 120 7.08 -38.13 -2.95
C GLU B 120 6.28 -38.29 -4.24
N LYS B 121 7.00 -38.34 -5.36
CA LYS B 121 6.38 -38.33 -6.68
C LYS B 121 5.54 -39.58 -6.94
N GLN B 122 4.29 -39.37 -7.33
CA GLN B 122 3.40 -40.47 -7.68
C GLN B 122 2.91 -40.31 -9.11
N THR B 123 2.48 -41.42 -9.71
CA THR B 123 1.83 -41.38 -11.01
C THR B 123 0.32 -41.37 -10.81
N ILE B 124 -0.32 -40.28 -11.24
CA ILE B 124 -1.74 -40.12 -11.00
C ILE B 124 -2.52 -39.96 -12.30
N VAL B 125 -3.47 -40.87 -12.51
CA VAL B 125 -4.36 -40.77 -13.66
C VAL B 125 -5.59 -39.95 -13.28
N VAL B 126 -5.88 -38.93 -14.07
CA VAL B 126 -7.08 -38.11 -13.84
C VAL B 126 -8.08 -38.29 -14.98
N ASP B 127 -9.21 -38.91 -14.67
CA ASP B 127 -10.28 -39.17 -15.63
C ASP B 127 -11.32 -38.05 -15.57
N TYR B 128 -11.41 -37.25 -16.64
CA TYR B 128 -12.34 -36.13 -16.65
C TYR B 128 -12.76 -35.67 -18.06
N SER B 129 -13.75 -34.77 -18.07
CA SER B 129 -14.39 -34.27 -19.29
C SER B 129 -15.23 -35.33 -19.99
N ALA B 130 -14.58 -36.21 -20.74
CA ALA B 130 -15.24 -37.35 -21.37
C ALA B 130 -16.46 -36.99 -22.23
N PRO B 131 -16.23 -36.30 -23.36
CA PRO B 131 -17.34 -35.95 -24.25
C PRO B 131 -17.78 -37.13 -25.13
N ASN B 132 -18.92 -36.99 -25.78
CA ASN B 132 -19.44 -38.01 -26.69
C ASN B 132 -19.15 -37.64 -28.15
N VAL B 133 -18.76 -38.64 -28.95
CA VAL B 133 -18.52 -38.43 -30.37
C VAL B 133 -19.83 -38.20 -31.13
N ALA B 134 -19.77 -37.39 -32.18
CA ALA B 134 -20.93 -37.04 -33.02
C ALA B 134 -21.96 -36.18 -32.29
N LYS B 135 -21.54 -35.62 -31.16
CA LYS B 135 -22.36 -34.68 -30.40
C LYS B 135 -21.47 -33.56 -29.88
N GLU B 136 -21.96 -32.34 -29.87
CA GLU B 136 -21.21 -31.24 -29.27
C GLU B 136 -21.44 -31.22 -27.77
N MET B 137 -20.43 -30.77 -27.04
CA MET B 137 -20.43 -30.85 -25.57
C MET B 137 -21.61 -30.14 -24.93
N HIS B 138 -22.26 -30.84 -24.01
CA HIS B 138 -23.33 -30.22 -23.22
C HIS B 138 -22.82 -29.74 -21.88
N VAL B 139 -23.58 -28.84 -21.26
CA VAL B 139 -23.22 -28.22 -19.99
C VAL B 139 -22.90 -29.24 -18.89
N GLY B 140 -23.50 -30.42 -19.01
CA GLY B 140 -23.22 -31.49 -18.07
C GLY B 140 -21.82 -32.06 -18.15
N HIS B 141 -21.07 -31.65 -19.16
CA HIS B 141 -19.67 -32.03 -19.28
C HIS B 141 -18.75 -30.94 -18.73
N LEU B 142 -19.33 -29.78 -18.43
CA LEU B 142 -18.55 -28.59 -18.08
C LEU B 142 -17.89 -28.69 -16.70
N ARG B 143 -18.68 -29.10 -15.72
CA ARG B 143 -18.21 -29.27 -14.34
C ARG B 143 -16.99 -30.17 -14.29
N SER B 144 -17.10 -31.32 -14.93
CA SER B 144 -16.01 -32.31 -14.96
C SER B 144 -14.74 -31.77 -15.58
N THR B 145 -14.87 -31.05 -16.69
CA THR B 145 -13.72 -30.51 -17.41
C THR B 145 -12.98 -29.49 -16.55
N ILE B 146 -13.74 -28.59 -15.93
CA ILE B 146 -13.18 -27.52 -15.11
C ILE B 146 -12.60 -28.00 -13.79
N ILE B 147 -13.38 -28.77 -13.03
CA ILE B 147 -12.93 -29.28 -11.74
C ILE B 147 -11.76 -30.24 -11.91
N GLY B 148 -11.86 -31.10 -12.91
CA GLY B 148 -10.81 -32.07 -13.21
C GLY B 148 -9.50 -31.41 -13.59
N ASP B 149 -9.57 -30.35 -14.37
CA ASP B 149 -8.36 -29.68 -14.83
C ASP B 149 -7.64 -29.01 -13.67
N ALA B 150 -8.42 -28.46 -12.73
CA ALA B 150 -7.86 -27.84 -11.54
C ALA B 150 -7.11 -28.86 -10.70
N ALA B 151 -7.62 -30.09 -10.68
CA ALA B 151 -6.94 -31.18 -9.99
C ALA B 151 -5.63 -31.47 -10.69
N VAL B 152 -5.67 -31.50 -12.02
CA VAL B 152 -4.48 -31.75 -12.83
C VAL B 152 -3.39 -30.69 -12.61
N ARG B 153 -3.79 -29.42 -12.66
CA ARG B 153 -2.85 -28.31 -12.47
C ARG B 153 -2.23 -28.33 -11.08
N THR B 154 -3.04 -28.64 -10.08
CA THR B 154 -2.57 -28.70 -8.70
C THR B 154 -1.55 -29.84 -8.51
N LEU B 155 -1.91 -31.02 -9.00
CA LEU B 155 -1.02 -32.19 -8.87
C LEU B 155 0.26 -32.03 -9.67
N GLU B 156 0.18 -31.41 -10.84
CA GLU B 156 1.36 -31.16 -11.66
C GLU B 156 2.31 -30.14 -10.99
N PHE B 157 1.74 -29.14 -10.33
CA PHE B 157 2.55 -28.16 -9.62
C PHE B 157 3.26 -28.83 -8.44
N LEU B 158 2.65 -29.89 -7.92
CA LEU B 158 3.23 -30.59 -6.78
C LEU B 158 4.24 -31.65 -7.21
N GLY B 159 4.50 -31.69 -8.52
CA GLY B 159 5.57 -32.53 -9.05
C GLY B 159 5.18 -33.95 -9.38
N HIS B 160 3.88 -34.24 -9.32
CA HIS B 160 3.39 -35.57 -9.64
C HIS B 160 3.34 -35.78 -11.15
N LYS B 161 3.58 -37.02 -11.57
CA LYS B 161 3.35 -37.40 -12.96
C LYS B 161 1.86 -37.57 -13.18
N VAL B 162 1.23 -36.59 -13.80
CA VAL B 162 -0.22 -36.62 -14.01
C VAL B 162 -0.58 -37.06 -15.42
N ILE B 163 -1.40 -38.10 -15.52
CA ILE B 163 -1.83 -38.61 -16.80
C ILE B 163 -3.28 -38.25 -17.07
N ARG B 164 -3.49 -37.28 -17.96
CA ARG B 164 -4.83 -36.90 -18.36
C ARG B 164 -5.50 -38.05 -19.10
N ALA B 165 -6.72 -38.38 -18.69
CA ALA B 165 -7.48 -39.46 -19.33
C ALA B 165 -8.85 -38.97 -19.76
N ASN B 166 -8.97 -38.61 -21.04
CA ASN B 166 -10.24 -38.15 -21.58
C ASN B 166 -11.02 -39.33 -22.14
N HIS B 167 -11.86 -39.92 -21.29
CA HIS B 167 -12.59 -41.14 -21.61
C HIS B 167 -13.75 -40.84 -22.56
N VAL B 168 -13.45 -40.59 -23.83
CA VAL B 168 -14.48 -40.18 -24.79
C VAL B 168 -15.41 -41.34 -25.18
N GLY B 169 -16.69 -41.02 -25.34
CA GLY B 169 -17.66 -42.00 -25.80
C GLY B 169 -17.52 -42.19 -27.30
N ASP B 170 -16.68 -43.15 -27.70
CA ASP B 170 -16.31 -43.30 -29.10
C ASP B 170 -16.60 -44.69 -29.66
N TRP B 171 -17.53 -45.40 -29.02
CA TRP B 171 -17.87 -46.75 -29.49
C TRP B 171 -19.33 -47.11 -29.22
N GLY B 172 -19.89 -47.98 -30.06
CA GLY B 172 -21.28 -48.37 -29.95
C GLY B 172 -21.89 -48.62 -31.32
N THR B 173 -23.14 -49.11 -31.33
CA THR B 173 -23.80 -49.49 -32.57
C THR B 173 -24.38 -48.32 -33.35
N GLN B 174 -24.33 -47.12 -32.76
CA GLN B 174 -24.84 -45.93 -33.43
C GLN B 174 -23.90 -45.46 -34.53
N PHE B 175 -22.64 -45.86 -34.44
CA PHE B 175 -21.63 -45.42 -35.40
C PHE B 175 -21.86 -45.97 -36.81
N GLY B 176 -22.75 -46.96 -36.91
CA GLY B 176 -23.15 -47.47 -38.21
C GLY B 176 -23.87 -46.41 -39.01
N MET B 177 -24.89 -45.80 -38.40
CA MET B 177 -25.64 -44.74 -39.06
C MET B 177 -24.81 -43.47 -39.14
N LEU B 178 -23.92 -43.27 -38.17
CA LEU B 178 -23.09 -42.08 -38.12
C LEU B 178 -22.06 -42.04 -39.26
N ILE B 179 -21.38 -43.17 -39.47
CA ILE B 179 -20.45 -43.31 -40.58
C ILE B 179 -21.18 -43.20 -41.91
N ALA B 180 -22.35 -43.84 -41.99
CA ALA B 180 -23.16 -43.80 -43.20
C ALA B 180 -23.66 -42.38 -43.48
N TRP B 181 -24.01 -41.66 -42.42
CA TRP B 181 -24.46 -40.28 -42.55
C TRP B 181 -23.27 -39.37 -42.85
N LEU B 182 -22.08 -39.79 -42.42
CA LEU B 182 -20.86 -39.01 -42.66
C LEU B 182 -20.54 -38.94 -44.14
N GLU B 183 -20.53 -40.08 -44.81
CA GLU B 183 -20.23 -40.12 -46.24
C GLU B 183 -21.35 -39.49 -47.06
N LYS B 184 -22.56 -39.50 -46.51
CA LYS B 184 -23.68 -38.79 -47.13
C LYS B 184 -23.41 -37.29 -47.08
N GLN B 185 -22.78 -36.85 -45.99
CA GLN B 185 -22.41 -35.45 -45.82
C GLN B 185 -21.28 -35.04 -46.77
N GLN B 186 -20.32 -35.95 -46.97
CA GLN B 186 -19.19 -35.66 -47.85
C GLN B 186 -19.57 -35.88 -49.31
N GLN B 187 -20.81 -36.29 -49.54
CA GLN B 187 -21.38 -36.34 -50.88
C GLN B 187 -22.06 -35.02 -51.16
N GLU B 188 -22.82 -34.54 -50.19
CA GLU B 188 -23.57 -33.31 -50.29
C GLU B 188 -22.66 -32.09 -50.19
N LEU B 198 -21.30 -31.08 -37.44
CA LEU B 198 -21.42 -31.56 -36.07
C LEU B 198 -22.72 -31.07 -35.44
N GLU B 199 -23.33 -30.06 -36.06
CA GLU B 199 -24.56 -29.46 -35.58
C GLU B 199 -25.79 -30.09 -36.23
N GLY B 200 -26.51 -30.87 -35.43
CA GLY B 200 -27.69 -31.59 -35.87
C GLY B 200 -27.35 -32.95 -36.45
N PHE B 201 -26.05 -33.19 -36.62
CA PHE B 201 -25.51 -34.41 -37.23
C PHE B 201 -26.12 -35.70 -36.69
N TYR B 202 -26.02 -35.89 -35.38
CA TYR B 202 -26.51 -37.11 -34.73
C TYR B 202 -28.02 -37.26 -34.91
N ARG B 203 -28.74 -36.17 -34.72
CA ARG B 203 -30.19 -36.19 -34.77
C ARG B 203 -30.74 -36.34 -36.20
N ASP B 204 -30.00 -35.79 -37.17
CA ASP B 204 -30.39 -35.94 -38.57
C ASP B 204 -30.08 -37.34 -39.08
N ALA B 205 -29.02 -37.94 -38.53
CA ALA B 205 -28.65 -39.31 -38.88
C ALA B 205 -29.72 -40.28 -38.38
N LYS B 206 -30.22 -40.04 -37.18
CA LYS B 206 -31.23 -40.90 -36.57
C LYS B 206 -32.57 -40.78 -37.29
N LYS B 207 -32.89 -39.57 -37.74
CA LYS B 207 -34.09 -39.34 -38.53
C LYS B 207 -34.03 -40.12 -39.83
N HIS B 208 -32.93 -39.96 -40.56
CA HIS B 208 -32.75 -40.60 -41.85
C HIS B 208 -32.73 -42.12 -41.71
N TYR B 209 -32.32 -42.60 -40.54
CA TYR B 209 -32.32 -44.04 -40.26
C TYR B 209 -33.74 -44.58 -40.24
N ASP B 210 -34.70 -43.71 -39.94
CA ASP B 210 -36.10 -44.09 -39.89
C ASP B 210 -36.89 -43.48 -41.04
N GLU B 211 -36.35 -42.42 -41.63
CA GLU B 211 -36.97 -41.79 -42.80
C GLU B 211 -36.38 -42.35 -44.09
N ASP B 212 -35.77 -43.52 -43.99
CA ASP B 212 -35.21 -44.22 -45.15
C ASP B 212 -34.90 -45.68 -44.80
N GLU B 213 -34.89 -46.53 -45.81
CA GLU B 213 -34.58 -47.94 -45.62
C GLU B 213 -33.36 -48.36 -46.42
N GLU B 214 -33.07 -47.63 -47.50
CA GLU B 214 -31.86 -47.87 -48.28
C GLU B 214 -30.64 -47.47 -47.46
N PHE B 215 -30.87 -46.58 -46.49
CA PHE B 215 -29.83 -46.06 -45.62
C PHE B 215 -29.75 -46.90 -44.35
N ALA B 216 -30.92 -47.22 -43.79
CA ALA B 216 -31.00 -47.95 -42.52
C ALA B 216 -30.31 -49.31 -42.57
N GLU B 217 -30.53 -50.04 -43.67
CA GLU B 217 -29.95 -51.35 -43.83
C GLU B 217 -28.44 -51.25 -44.02
N ARG B 218 -28.00 -50.17 -44.66
CA ARG B 218 -26.58 -49.91 -44.85
C ARG B 218 -25.92 -49.55 -43.52
N ALA B 219 -26.71 -48.95 -42.63
CA ALA B 219 -26.21 -48.54 -41.32
C ALA B 219 -25.89 -49.73 -40.42
N ARG B 220 -26.82 -50.69 -40.35
CA ARG B 220 -26.60 -51.92 -39.59
C ARG B 220 -25.48 -52.74 -40.20
N ASN B 221 -25.30 -52.56 -41.51
CA ASN B 221 -24.23 -53.23 -42.24
C ASN B 221 -22.87 -52.63 -41.90
N TYR B 222 -22.84 -51.33 -41.67
CA TYR B 222 -21.60 -50.63 -41.36
C TYR B 222 -21.08 -50.98 -39.96
N VAL B 223 -21.99 -51.23 -39.03
CA VAL B 223 -21.61 -51.63 -37.68
C VAL B 223 -20.81 -52.93 -37.72
N VAL B 224 -21.33 -53.91 -38.46
CA VAL B 224 -20.69 -55.21 -38.59
C VAL B 224 -19.28 -55.11 -39.14
N LYS B 225 -19.13 -54.35 -40.22
CA LYS B 225 -17.82 -54.19 -40.87
C LYS B 225 -16.82 -53.43 -40.01
N LEU B 226 -17.30 -52.42 -39.29
CA LEU B 226 -16.45 -51.68 -38.36
C LEU B 226 -15.97 -52.58 -37.24
N GLN B 227 -16.89 -53.39 -36.69
CA GLN B 227 -16.54 -54.29 -35.60
C GLN B 227 -15.64 -55.43 -36.10
N SER B 228 -15.67 -55.70 -37.40
CA SER B 228 -14.84 -56.74 -37.99
C SER B 228 -13.40 -56.26 -38.15
N GLY B 229 -13.17 -54.98 -37.84
CA GLY B 229 -11.83 -54.43 -37.89
C GLY B 229 -11.40 -54.03 -39.28
N ASP B 230 -12.36 -53.93 -40.20
CA ASP B 230 -12.08 -53.44 -41.55
C ASP B 230 -11.43 -52.06 -41.47
N GLU B 231 -10.28 -51.92 -42.12
CA GLU B 231 -9.49 -50.71 -42.01
C GLU B 231 -10.16 -49.48 -42.64
N TYR B 232 -10.93 -49.68 -43.70
CA TYR B 232 -11.64 -48.57 -44.33
C TYR B 232 -12.67 -47.96 -43.38
N PHE B 233 -13.45 -48.82 -42.74
CA PHE B 233 -14.47 -48.36 -41.79
C PHE B 233 -13.82 -47.85 -40.51
N ARG B 234 -12.64 -48.38 -40.19
CA ARG B 234 -11.86 -47.89 -39.07
C ARG B 234 -11.46 -46.43 -39.31
N GLU B 235 -11.08 -46.12 -40.54
CA GLU B 235 -10.68 -44.77 -40.91
C GLU B 235 -11.85 -43.80 -40.93
N MET B 236 -12.99 -44.25 -41.45
CA MET B 236 -14.20 -43.44 -41.42
C MET B 236 -14.59 -43.18 -39.98
N TRP B 237 -14.38 -44.17 -39.13
CA TRP B 237 -14.62 -44.02 -37.69
C TRP B 237 -13.65 -43.01 -37.07
N ARG B 238 -12.38 -43.09 -37.45
CA ARG B 238 -11.38 -42.16 -36.93
C ARG B 238 -11.71 -40.72 -37.30
N LYS B 239 -12.18 -40.51 -38.52
CA LYS B 239 -12.54 -39.18 -38.98
C LYS B 239 -13.73 -38.63 -38.21
N LEU B 240 -14.65 -39.51 -37.83
CA LEU B 240 -15.79 -39.12 -37.01
C LEU B 240 -15.31 -38.66 -35.64
N VAL B 241 -14.41 -39.42 -35.05
CA VAL B 241 -13.81 -39.07 -33.77
C VAL B 241 -12.99 -37.78 -33.86
N ASP B 242 -12.20 -37.66 -34.93
CA ASP B 242 -11.30 -36.52 -35.09
C ASP B 242 -12.04 -35.19 -35.28
N ILE B 243 -13.12 -35.21 -36.05
CA ILE B 243 -13.93 -34.01 -36.25
C ILE B 243 -14.46 -33.50 -34.93
N THR B 244 -15.00 -34.41 -34.12
CA THR B 244 -15.57 -34.07 -32.83
C THR B 244 -14.52 -33.50 -31.86
N MET B 245 -13.40 -34.19 -31.71
CA MET B 245 -12.36 -33.75 -30.79
C MET B 245 -11.61 -32.52 -31.28
N THR B 246 -11.70 -32.23 -32.58
CA THR B 246 -11.16 -30.99 -33.11
C THR B 246 -12.07 -29.84 -32.67
N GLN B 247 -13.38 -30.09 -32.73
CA GLN B 247 -14.35 -29.10 -32.29
C GLN B 247 -14.25 -28.86 -30.79
N ASN B 248 -14.11 -29.94 -30.03
CA ASN B 248 -13.99 -29.83 -28.57
C ASN B 248 -12.68 -29.21 -28.11
N GLN B 249 -11.63 -29.32 -28.94
CA GLN B 249 -10.34 -28.73 -28.61
C GLN B 249 -10.42 -27.21 -28.64
N ILE B 250 -11.21 -26.69 -29.58
CA ILE B 250 -11.44 -25.25 -29.68
C ILE B 250 -12.09 -24.74 -28.40
N THR B 251 -13.04 -25.51 -27.88
CA THR B 251 -13.71 -25.17 -26.63
C THR B 251 -12.77 -25.30 -25.45
N TYR B 252 -11.96 -26.36 -25.44
CA TYR B 252 -10.94 -26.55 -24.42
C TYR B 252 -9.97 -25.37 -24.37
N ASP B 253 -9.55 -24.91 -25.55
CA ASP B 253 -8.63 -23.79 -25.66
C ASP B 253 -9.23 -22.50 -25.12
N ARG B 254 -10.48 -22.24 -25.47
CA ARG B 254 -11.19 -21.05 -24.99
C ARG B 254 -11.42 -21.15 -23.48
N LEU B 255 -11.48 -22.37 -22.96
CA LEU B 255 -11.67 -22.57 -21.53
C LEU B 255 -10.35 -22.49 -20.76
N ASN B 256 -9.24 -22.35 -21.48
CA ASN B 256 -7.91 -22.39 -20.88
C ASN B 256 -7.70 -23.70 -20.12
N VAL B 257 -8.09 -24.80 -20.76
CA VAL B 257 -7.99 -26.14 -20.17
C VAL B 257 -6.84 -26.92 -20.81
N THR B 258 -6.09 -27.66 -19.98
CA THR B 258 -4.86 -28.30 -20.44
C THR B 258 -5.06 -29.61 -21.22
N LEU B 259 -6.30 -29.92 -21.57
CA LEU B 259 -6.58 -31.11 -22.37
C LEU B 259 -6.17 -30.92 -23.83
N THR B 260 -5.59 -31.97 -24.42
CA THR B 260 -5.27 -31.99 -25.85
C THR B 260 -5.76 -33.30 -26.47
N ARG B 261 -5.61 -33.43 -27.78
CA ARG B 261 -6.02 -34.63 -28.51
C ARG B 261 -5.33 -35.89 -28.00
N ASP B 262 -4.05 -35.75 -27.64
CA ASP B 262 -3.25 -36.91 -27.24
C ASP B 262 -3.62 -37.46 -25.86
N ASP B 263 -4.54 -36.79 -25.18
CA ASP B 263 -5.02 -37.28 -23.88
C ASP B 263 -6.31 -38.08 -24.03
N VAL B 264 -6.82 -38.17 -25.24
CA VAL B 264 -8.02 -38.96 -25.50
C VAL B 264 -7.73 -40.44 -25.34
N MET B 265 -8.39 -41.07 -24.36
CA MET B 265 -8.30 -42.51 -24.16
C MET B 265 -9.71 -43.08 -24.08
N GLY B 266 -10.37 -43.15 -25.23
CA GLY B 266 -11.78 -43.51 -25.31
C GLY B 266 -12.13 -44.93 -24.93
N GLU B 267 -13.44 -45.23 -24.97
CA GLU B 267 -13.95 -46.54 -24.61
C GLU B 267 -13.41 -47.63 -25.53
N SER B 268 -13.14 -47.27 -26.79
CA SER B 268 -12.69 -48.21 -27.80
C SER B 268 -11.34 -48.84 -27.46
N LEU B 269 -10.52 -48.13 -26.69
CA LEU B 269 -9.17 -48.58 -26.33
C LEU B 269 -9.17 -49.89 -25.55
N TYR B 270 -10.28 -50.19 -24.88
CA TYR B 270 -10.33 -51.34 -23.98
C TYR B 270 -11.09 -52.51 -24.58
N ASN B 271 -11.67 -52.31 -25.76
CA ASN B 271 -12.39 -53.37 -26.47
C ASN B 271 -11.65 -54.72 -26.59
N PRO B 272 -10.35 -54.71 -26.97
CA PRO B 272 -9.69 -56.01 -27.08
C PRO B 272 -9.48 -56.72 -25.72
N MET B 273 -9.54 -55.98 -24.62
CA MET B 273 -9.33 -56.55 -23.30
C MET B 273 -10.55 -57.31 -22.78
N LEU B 274 -11.72 -56.97 -23.30
CA LEU B 274 -13.00 -57.44 -22.73
C LEU B 274 -13.25 -58.96 -22.70
N PRO B 275 -13.06 -59.67 -23.82
CA PRO B 275 -13.36 -61.11 -23.76
C PRO B 275 -12.41 -61.87 -22.84
N GLY B 276 -11.17 -61.41 -22.73
CA GLY B 276 -10.19 -62.05 -21.88
C GLY B 276 -10.49 -61.86 -20.41
N ILE B 277 -11.05 -60.70 -20.07
CA ILE B 277 -11.39 -60.39 -18.68
C ILE B 277 -12.58 -61.21 -18.21
N VAL B 278 -13.62 -61.29 -19.05
CA VAL B 278 -14.81 -62.06 -18.74
C VAL B 278 -14.48 -63.54 -18.52
N ALA B 279 -13.62 -64.09 -19.37
CA ALA B 279 -13.17 -65.47 -19.22
C ALA B 279 -12.42 -65.65 -17.91
N ASP B 280 -11.60 -64.66 -17.56
CA ASP B 280 -10.82 -64.66 -16.33
C ASP B 280 -11.74 -64.61 -15.10
N LEU B 281 -12.75 -63.74 -15.16
CA LEU B 281 -13.72 -63.61 -14.09
C LEU B 281 -14.54 -64.88 -13.91
N LYS B 282 -14.77 -65.59 -15.01
CA LYS B 282 -15.49 -66.86 -14.96
C LYS B 282 -14.62 -67.93 -14.29
N ALA B 283 -13.36 -67.99 -14.70
CA ALA B 283 -12.45 -69.00 -14.19
C ALA B 283 -12.20 -68.82 -12.70
N LYS B 284 -12.28 -67.57 -12.24
CA LYS B 284 -12.14 -67.26 -10.82
C LYS B 284 -13.43 -67.56 -10.07
N GLY B 285 -14.48 -67.89 -10.80
CA GLY B 285 -15.76 -68.22 -10.20
C GLY B 285 -16.49 -67.00 -9.68
N LEU B 286 -16.07 -65.83 -10.14
CA LEU B 286 -16.72 -64.59 -9.75
C LEU B 286 -17.92 -64.34 -10.66
N ALA B 287 -17.73 -64.60 -11.96
CA ALA B 287 -18.76 -64.40 -12.96
C ALA B 287 -19.57 -65.66 -13.14
N VAL B 288 -20.86 -65.60 -12.85
CA VAL B 288 -21.72 -66.78 -13.02
C VAL B 288 -22.93 -66.43 -13.87
N GLU B 289 -23.69 -67.47 -14.26
CA GLU B 289 -24.88 -67.29 -15.07
C GLU B 289 -26.07 -66.77 -14.26
N SER B 290 -26.85 -65.90 -14.87
CA SER B 290 -28.06 -65.38 -14.23
C SER B 290 -29.02 -64.84 -15.29
N GLU B 291 -30.10 -65.58 -15.51
CA GLU B 291 -31.15 -65.18 -16.45
C GLU B 291 -30.61 -64.93 -17.86
N GLY B 292 -29.64 -65.75 -18.27
CA GLY B 292 -29.07 -65.65 -19.60
C GLY B 292 -27.79 -64.82 -19.66
N ALA B 293 -27.63 -63.89 -18.73
CA ALA B 293 -26.49 -62.98 -18.74
C ALA B 293 -25.38 -63.42 -17.79
N THR B 294 -24.16 -63.02 -18.10
CA THR B 294 -23.02 -63.28 -17.22
C THR B 294 -22.92 -62.17 -16.19
N VAL B 295 -23.15 -62.50 -14.93
CA VAL B 295 -23.15 -61.49 -13.87
C VAL B 295 -22.17 -61.81 -12.75
N VAL B 296 -21.87 -60.79 -11.96
CA VAL B 296 -21.06 -60.95 -10.77
C VAL B 296 -21.86 -60.54 -9.54
N PHE B 297 -22.06 -61.47 -8.62
CA PHE B 297 -22.71 -61.15 -7.36
C PHE B 297 -21.69 -60.65 -6.36
N LEU B 298 -22.06 -59.61 -5.61
CA LEU B 298 -21.17 -59.02 -4.63
C LEU B 298 -21.90 -58.88 -3.29
N ASP B 299 -21.16 -59.02 -2.19
CA ASP B 299 -21.72 -58.87 -0.86
C ASP B 299 -22.08 -57.41 -0.60
N GLU B 300 -21.64 -56.52 -1.49
CA GLU B 300 -21.77 -55.09 -1.29
C GLU B 300 -23.12 -54.51 -1.71
N PHE B 301 -23.67 -54.97 -2.83
CA PHE B 301 -24.84 -54.32 -3.42
C PHE B 301 -26.08 -55.22 -3.51
N LYS B 302 -27.24 -54.60 -3.39
CA LYS B 302 -28.51 -55.31 -3.42
C LYS B 302 -29.49 -54.70 -4.40
N ASN B 303 -30.56 -55.43 -4.71
CA ASN B 303 -31.65 -54.89 -5.53
C ASN B 303 -32.69 -54.19 -4.64
N LYS B 304 -33.84 -53.83 -5.22
CA LYS B 304 -34.88 -53.13 -4.49
C LYS B 304 -35.41 -53.96 -3.32
N GLU B 305 -35.55 -55.26 -3.55
CA GLU B 305 -36.11 -56.17 -2.55
C GLU B 305 -35.10 -56.64 -1.52
N GLY B 306 -33.88 -56.08 -1.58
CA GLY B 306 -32.85 -56.41 -0.61
C GLY B 306 -32.08 -57.68 -0.92
N GLU B 307 -32.24 -58.18 -2.14
CA GLU B 307 -31.53 -59.38 -2.58
C GLU B 307 -30.27 -58.98 -3.34
N PRO B 308 -29.23 -59.84 -3.32
CA PRO B 308 -27.93 -59.56 -3.94
C PRO B 308 -28.03 -59.01 -5.36
N MET B 309 -27.36 -57.88 -5.59
CA MET B 309 -27.34 -57.27 -6.91
C MET B 309 -26.47 -58.07 -7.88
N GLY B 310 -27.10 -58.59 -8.93
CA GLY B 310 -26.36 -59.30 -9.96
C GLY B 310 -25.82 -58.35 -11.01
N VAL B 311 -24.57 -57.91 -10.82
CA VAL B 311 -23.96 -56.95 -11.73
C VAL B 311 -23.58 -57.59 -13.06
N ILE B 312 -24.24 -57.16 -14.13
CA ILE B 312 -23.99 -57.72 -15.46
C ILE B 312 -22.68 -57.22 -16.07
N ILE B 313 -21.86 -58.14 -16.55
CA ILE B 313 -20.62 -57.79 -17.23
C ILE B 313 -20.69 -58.24 -18.69
N GLN B 314 -21.72 -59.00 -19.02
CA GLN B 314 -21.99 -59.40 -20.39
C GLN B 314 -23.47 -59.75 -20.53
N LYS B 315 -24.13 -59.16 -21.54
CA LYS B 315 -25.55 -59.39 -21.77
C LYS B 315 -25.82 -60.75 -22.41
N LYS B 316 -27.09 -61.14 -22.43
CA LYS B 316 -27.47 -62.46 -22.96
C LYS B 316 -27.34 -62.53 -24.48
N ASP B 317 -27.30 -61.36 -25.12
CA ASP B 317 -27.04 -61.31 -26.56
C ASP B 317 -25.54 -61.26 -26.85
N GLY B 318 -24.74 -61.37 -25.79
CA GLY B 318 -23.29 -61.44 -25.92
C GLY B 318 -22.59 -60.10 -25.77
N GLY B 319 -23.33 -59.02 -25.99
CA GLY B 319 -22.74 -57.68 -25.95
C GLY B 319 -22.23 -57.26 -24.59
N TYR B 320 -21.15 -56.50 -24.58
CA TYR B 320 -20.59 -55.94 -23.35
C TYR B 320 -21.16 -54.56 -23.09
N LEU B 321 -21.03 -54.07 -21.85
CA LEU B 321 -21.54 -52.76 -21.50
C LEU B 321 -20.52 -51.93 -20.71
N TYR B 322 -20.98 -50.78 -20.22
CA TYR B 322 -20.13 -49.81 -19.52
C TYR B 322 -19.35 -50.42 -18.36
N THR B 323 -20.00 -51.31 -17.61
CA THR B 323 -19.37 -51.95 -16.46
C THR B 323 -18.13 -52.74 -16.86
N THR B 324 -18.26 -53.50 -17.94
CA THR B 324 -17.13 -54.29 -18.45
C THR B 324 -15.98 -53.37 -18.86
N THR B 325 -16.33 -52.23 -19.46
CA THR B 325 -15.34 -51.23 -19.86
C THR B 325 -14.67 -50.62 -18.63
N ASP B 326 -15.46 -50.29 -17.62
CA ASP B 326 -14.94 -49.69 -16.40
C ASP B 326 -13.97 -50.61 -15.66
N ILE B 327 -14.22 -51.91 -15.72
CA ILE B 327 -13.33 -52.90 -15.12
C ILE B 327 -12.00 -52.92 -15.88
N ALA B 328 -12.09 -53.09 -17.20
CA ALA B 328 -10.91 -53.09 -18.06
C ALA B 328 -10.11 -51.81 -17.93
N CYS B 329 -10.82 -50.71 -17.69
CA CYS B 329 -10.19 -49.40 -17.62
C CYS B 329 -9.27 -49.26 -16.40
N ALA B 330 -9.78 -49.66 -15.23
CA ALA B 330 -8.99 -49.60 -14.01
C ALA B 330 -7.80 -50.55 -14.08
N LYS B 331 -8.03 -51.72 -14.66
CA LYS B 331 -6.98 -52.73 -14.87
C LYS B 331 -5.86 -52.17 -15.73
N TYR B 332 -6.25 -51.53 -16.83
CA TYR B 332 -5.30 -50.95 -17.78
C TYR B 332 -4.47 -49.84 -17.14
N ARG B 333 -5.13 -49.02 -16.32
CA ARG B 333 -4.46 -47.88 -15.69
C ARG B 333 -3.46 -48.32 -14.62
N TYR B 334 -3.65 -49.51 -14.07
CA TYR B 334 -2.67 -50.04 -13.12
C TYR B 334 -1.57 -50.81 -13.83
N GLU B 335 -1.95 -51.69 -14.75
CA GLU B 335 -1.00 -52.59 -15.38
C GLU B 335 -0.16 -51.93 -16.46
N THR B 336 -0.78 -51.08 -17.28
CA THR B 336 -0.08 -50.46 -18.40
C THR B 336 0.45 -49.06 -18.07
N LEU B 337 -0.37 -48.26 -17.41
CA LEU B 337 0.00 -46.87 -17.10
C LEU B 337 0.68 -46.73 -15.74
N HIS B 338 0.67 -47.81 -14.97
CA HIS B 338 1.31 -47.84 -13.65
C HIS B 338 0.82 -46.73 -12.71
N ALA B 339 -0.49 -46.61 -12.58
CA ALA B 339 -1.06 -45.60 -11.70
C ALA B 339 -0.82 -45.94 -10.24
N ASP B 340 -0.51 -44.92 -9.44
CA ASP B 340 -0.46 -45.06 -8.00
C ASP B 340 -1.79 -44.58 -7.43
N ARG B 341 -2.50 -43.82 -8.24
CA ARG B 341 -3.79 -43.26 -7.84
C ARG B 341 -4.60 -42.85 -9.07
N VAL B 342 -5.88 -43.19 -9.06
CA VAL B 342 -6.78 -42.83 -10.16
C VAL B 342 -7.95 -41.99 -9.65
N LEU B 343 -8.15 -40.84 -10.27
CA LEU B 343 -9.22 -39.94 -9.86
C LEU B 343 -10.29 -39.86 -10.96
N TYR B 344 -11.54 -40.02 -10.57
CA TYR B 344 -12.64 -39.94 -11.51
C TYR B 344 -13.51 -38.72 -11.22
N TYR B 345 -13.50 -37.76 -12.13
CA TYR B 345 -14.39 -36.60 -11.99
C TYR B 345 -15.66 -36.81 -12.83
N ILE B 346 -16.67 -37.37 -12.18
CA ILE B 346 -17.88 -37.83 -12.86
C ILE B 346 -19.08 -37.47 -12.01
N ASP B 347 -20.23 -37.22 -12.66
CA ASP B 347 -21.47 -36.92 -11.97
C ASP B 347 -21.76 -37.93 -10.85
N SER B 348 -22.30 -37.45 -9.74
CA SER B 348 -22.53 -38.28 -8.57
C SER B 348 -23.58 -39.37 -8.81
N ARG B 349 -24.34 -39.23 -9.90
CA ARG B 349 -25.35 -40.23 -10.26
C ARG B 349 -24.69 -41.54 -10.71
N GLN B 350 -23.44 -41.44 -11.17
CA GLN B 350 -22.70 -42.60 -11.64
C GLN B 350 -22.00 -43.34 -10.51
N HIS B 351 -22.24 -42.89 -9.28
CA HIS B 351 -21.55 -43.44 -8.11
C HIS B 351 -21.70 -44.96 -7.96
N GLN B 352 -22.93 -45.44 -7.90
CA GLN B 352 -23.18 -46.87 -7.70
C GLN B 352 -22.59 -47.72 -8.82
N HIS B 353 -22.65 -47.21 -10.05
CA HIS B 353 -22.07 -47.92 -11.20
C HIS B 353 -20.56 -48.07 -11.07
N LEU B 354 -19.89 -46.99 -10.65
CA LEU B 354 -18.44 -47.01 -10.50
C LEU B 354 -18.01 -47.93 -9.35
N MET B 355 -18.72 -47.84 -8.23
CA MET B 355 -18.38 -48.63 -7.05
C MET B 355 -18.63 -50.12 -7.26
N GLN B 356 -19.58 -50.45 -8.13
CA GLN B 356 -19.85 -51.85 -8.47
C GLN B 356 -18.71 -52.41 -9.31
N ALA B 357 -18.29 -51.65 -10.32
CA ALA B 357 -17.22 -52.08 -11.22
C ALA B 357 -15.90 -52.22 -10.46
N TRP B 358 -15.61 -51.25 -9.61
CA TRP B 358 -14.38 -51.26 -8.83
C TRP B 358 -14.38 -52.40 -7.80
N ALA B 359 -15.57 -52.74 -7.30
CA ALA B 359 -15.69 -53.85 -6.36
C ALA B 359 -15.32 -55.16 -7.02
N ILE B 360 -15.62 -55.27 -8.31
CA ILE B 360 -15.25 -56.44 -9.09
C ILE B 360 -13.74 -56.39 -9.38
N VAL B 361 -13.24 -55.19 -9.62
CA VAL B 361 -11.82 -54.97 -9.83
C VAL B 361 -11.00 -55.41 -8.62
N ARG B 362 -11.45 -55.02 -7.42
CA ARG B 362 -10.77 -55.40 -6.19
C ARG B 362 -10.82 -56.91 -5.94
N LYS B 363 -11.98 -57.50 -6.22
CA LYS B 363 -12.21 -58.92 -5.92
C LYS B 363 -11.42 -59.84 -6.84
N ALA B 364 -11.15 -59.38 -8.06
CA ALA B 364 -10.37 -60.16 -9.02
C ALA B 364 -8.88 -59.85 -8.89
N GLY B 365 -8.54 -58.91 -8.01
CA GLY B 365 -7.16 -58.54 -7.78
C GLY B 365 -6.51 -57.84 -8.94
N TYR B 366 -7.32 -57.18 -9.78
CA TYR B 366 -6.80 -56.44 -10.91
C TYR B 366 -6.00 -55.22 -10.47
N VAL B 367 -6.49 -54.53 -9.44
CA VAL B 367 -5.82 -53.37 -8.90
C VAL B 367 -5.70 -53.49 -7.38
N PRO B 368 -4.47 -53.46 -6.85
CA PRO B 368 -4.23 -53.63 -5.41
C PRO B 368 -4.88 -52.51 -4.59
N GLU B 369 -5.15 -52.79 -3.32
CA GLU B 369 -5.78 -51.80 -2.44
C GLU B 369 -4.89 -50.59 -2.18
N SER B 370 -3.58 -50.75 -2.40
CA SER B 370 -2.64 -49.65 -2.20
C SER B 370 -2.84 -48.55 -3.24
N VAL B 371 -3.53 -48.88 -4.32
CA VAL B 371 -3.87 -47.90 -5.34
C VAL B 371 -5.35 -47.51 -5.23
N PRO B 372 -5.60 -46.30 -4.71
CA PRO B 372 -6.99 -45.84 -4.54
C PRO B 372 -7.68 -45.52 -5.87
N LEU B 373 -8.95 -45.91 -5.97
CA LEU B 373 -9.80 -45.56 -7.10
C LEU B 373 -10.86 -44.62 -6.57
N GLU B 374 -10.67 -43.32 -6.80
CA GLU B 374 -11.47 -42.31 -6.12
C GLU B 374 -12.52 -41.64 -7.01
N HIS B 375 -13.76 -41.66 -6.57
CA HIS B 375 -14.82 -40.95 -7.28
C HIS B 375 -14.93 -39.54 -6.73
N HIS B 376 -14.35 -38.59 -7.43
CA HIS B 376 -14.48 -37.18 -7.05
C HIS B 376 -15.72 -36.62 -7.73
N MET B 377 -16.87 -36.94 -7.14
CA MET B 377 -18.17 -36.63 -7.73
C MET B 377 -18.56 -35.17 -7.60
N PHE B 378 -19.37 -34.69 -8.54
CA PHE B 378 -19.89 -33.33 -8.50
C PHE B 378 -21.41 -33.31 -8.71
N GLY B 379 -22.06 -32.28 -8.19
CA GLY B 379 -23.50 -32.15 -8.33
C GLY B 379 -23.93 -31.70 -9.72
N MET B 380 -25.22 -31.47 -9.90
CA MET B 380 -25.75 -31.03 -11.18
C MET B 380 -25.73 -29.51 -11.27
N MET B 381 -25.56 -28.99 -12.47
CA MET B 381 -25.73 -27.55 -12.71
C MET B 381 -27.22 -27.25 -12.80
N LEU B 382 -27.68 -26.32 -11.95
CA LEU B 382 -29.09 -25.99 -11.89
C LEU B 382 -29.35 -24.55 -12.32
N GLY B 383 -30.62 -24.21 -12.50
CA GLY B 383 -31.00 -22.85 -12.83
C GLY B 383 -31.92 -22.28 -11.76
N LYS B 384 -32.56 -21.16 -12.07
CA LYS B 384 -33.51 -20.53 -11.16
C LYS B 384 -34.63 -21.50 -10.79
N ASP B 385 -34.92 -22.42 -11.72
CA ASP B 385 -35.90 -23.48 -11.50
C ASP B 385 -35.60 -24.27 -10.24
N GLY B 386 -34.42 -24.86 -10.20
CA GLY B 386 -34.10 -25.90 -9.23
C GLY B 386 -34.01 -27.18 -10.04
N LYS B 387 -34.35 -27.07 -11.31
CA LYS B 387 -34.28 -28.16 -12.26
C LYS B 387 -32.95 -28.07 -13.00
N PRO B 388 -32.56 -29.15 -13.70
CA PRO B 388 -31.35 -29.16 -14.54
C PRO B 388 -31.21 -27.91 -15.42
N PHE B 389 -29.98 -27.46 -15.59
CA PHE B 389 -29.68 -26.23 -16.33
C PHE B 389 -30.20 -26.28 -17.77
N LYS B 390 -31.05 -25.32 -18.11
CA LYS B 390 -31.64 -25.25 -19.45
C LYS B 390 -31.63 -23.81 -19.97
N THR B 391 -31.84 -23.66 -21.27
CA THR B 391 -32.07 -22.36 -21.87
C THR B 391 -33.36 -21.77 -21.28
N ARG B 392 -33.48 -20.45 -21.31
CA ARG B 392 -34.69 -19.75 -20.89
C ARG B 392 -35.95 -20.41 -21.46
N ALA B 393 -35.88 -20.81 -22.72
CA ALA B 393 -36.97 -21.52 -23.37
C ALA B 393 -37.16 -22.91 -22.75
N GLY B 394 -36.09 -23.69 -22.73
CA GLY B 394 -36.14 -25.03 -22.17
C GLY B 394 -35.29 -26.04 -22.91
N GLY B 395 -34.52 -25.58 -23.88
CA GLY B 395 -33.63 -26.44 -24.65
C GLY B 395 -32.33 -26.67 -23.90
N THR B 396 -31.38 -27.34 -24.54
CA THR B 396 -30.08 -27.61 -23.91
C THR B 396 -29.02 -26.57 -24.30
N VAL B 397 -28.12 -26.25 -23.39
CA VAL B 397 -27.15 -25.18 -23.58
C VAL B 397 -25.92 -25.63 -24.36
N LYS B 398 -25.63 -24.94 -25.45
CA LYS B 398 -24.38 -25.16 -26.16
C LYS B 398 -23.24 -24.59 -25.32
N LEU B 399 -22.19 -25.38 -25.12
CA LEU B 399 -21.03 -24.92 -24.37
C LEU B 399 -20.45 -23.66 -25.01
N ALA B 400 -20.31 -23.68 -26.33
CA ALA B 400 -19.79 -22.53 -27.06
C ALA B 400 -20.68 -21.31 -26.94
N ASP B 401 -21.99 -21.53 -26.89
CA ASP B 401 -22.95 -20.43 -26.72
C ASP B 401 -22.86 -19.82 -25.32
N LEU B 402 -22.63 -20.66 -24.32
CA LEU B 402 -22.44 -20.20 -22.96
C LEU B 402 -21.20 -19.33 -22.86
N LEU B 403 -20.11 -19.80 -23.47
CA LEU B 403 -18.85 -19.07 -23.47
C LEU B 403 -18.93 -17.79 -24.29
N ASP B 404 -19.70 -17.82 -25.37
CA ASP B 404 -19.88 -16.64 -26.20
C ASP B 404 -20.62 -15.54 -25.44
N GLU B 405 -21.59 -15.95 -24.63
CA GLU B 405 -22.38 -14.99 -23.84
C GLU B 405 -21.55 -14.45 -22.69
N ALA B 406 -20.71 -15.29 -22.10
CA ALA B 406 -19.84 -14.88 -21.01
C ALA B 406 -18.91 -13.77 -21.48
N LEU B 407 -18.37 -13.92 -22.68
CA LEU B 407 -17.51 -12.91 -23.29
C LEU B 407 -18.27 -11.62 -23.57
N GLU B 408 -19.48 -11.73 -24.10
CA GLU B 408 -20.30 -10.57 -24.42
C GLU B 408 -20.62 -9.74 -23.18
N ARG B 409 -21.04 -10.42 -22.11
CA ARG B 409 -21.34 -9.75 -20.85
C ARG B 409 -20.07 -9.18 -20.22
N ALA B 410 -18.97 -9.91 -20.38
CA ALA B 410 -17.67 -9.45 -19.88
C ALA B 410 -17.19 -8.20 -20.62
N ARG B 411 -17.32 -8.23 -21.95
CA ARG B 411 -16.89 -7.10 -22.77
C ARG B 411 -17.57 -5.80 -22.36
N ARG B 412 -18.83 -5.88 -21.97
CA ARG B 412 -19.63 -4.69 -21.67
C ARG B 412 -19.32 -4.03 -20.33
N LEU B 413 -19.32 -4.82 -19.25
CA LEU B 413 -19.09 -4.25 -17.93
C LEU B 413 -17.61 -3.95 -17.69
N VAL B 414 -16.80 -4.20 -18.71
CA VAL B 414 -15.38 -3.88 -18.71
C VAL B 414 -15.12 -2.68 -19.62
N ALA B 415 -15.93 -2.57 -20.68
CA ALA B 415 -15.85 -1.43 -21.60
C ALA B 415 -16.05 -0.11 -20.87
N GLU B 416 -16.90 -0.13 -19.85
CA GLU B 416 -17.14 1.04 -19.02
C GLU B 416 -15.82 1.48 -18.37
N LYS B 417 -15.18 0.53 -17.70
CA LYS B 417 -13.97 0.82 -16.93
C LYS B 417 -12.80 1.33 -17.78
N ASN B 418 -12.90 2.58 -18.21
CA ASN B 418 -11.79 3.31 -18.81
C ASN B 418 -11.10 2.60 -19.98
N MET B 421 -7.27 1.64 -22.79
CA MET B 421 -6.19 0.69 -23.06
C MET B 421 -6.28 0.15 -24.48
N PRO B 422 -5.15 -0.32 -25.04
CA PRO B 422 -5.09 -0.90 -26.38
C PRO B 422 -6.16 -1.96 -26.64
N ALA B 423 -6.56 -2.09 -27.90
CA ALA B 423 -7.66 -2.98 -28.30
C ALA B 423 -7.42 -4.44 -27.95
N ASP B 424 -6.16 -4.88 -28.05
CA ASP B 424 -5.82 -6.24 -27.68
C ASP B 424 -6.04 -6.43 -26.19
N GLU B 425 -5.44 -5.55 -25.40
CA GLU B 425 -5.48 -5.62 -23.94
C GLU B 425 -6.90 -5.62 -23.39
N LEU B 426 -7.79 -4.87 -24.03
CA LEU B 426 -9.17 -4.81 -23.59
C LEU B 426 -9.89 -6.12 -23.91
N GLU B 427 -9.51 -6.74 -25.03
CA GLU B 427 -10.04 -8.05 -25.39
C GLU B 427 -9.43 -9.15 -24.53
N LYS B 428 -8.15 -9.00 -24.22
CA LYS B 428 -7.47 -9.90 -23.29
C LYS B 428 -8.17 -9.84 -21.94
N LEU B 429 -8.54 -8.62 -21.54
CA LEU B 429 -9.21 -8.39 -20.26
C LEU B 429 -10.61 -9.02 -20.23
N ALA B 430 -11.36 -8.81 -21.31
CA ALA B 430 -12.70 -9.37 -21.41
C ALA B 430 -12.68 -10.90 -21.36
N ASN B 431 -11.73 -11.48 -22.08
CA ASN B 431 -11.54 -12.93 -22.10
C ASN B 431 -11.24 -13.47 -20.71
N ALA B 432 -10.30 -12.82 -20.03
CA ALA B 432 -9.87 -13.24 -18.69
C ALA B 432 -11.00 -13.15 -17.67
N VAL B 433 -11.84 -12.12 -17.79
CA VAL B 433 -12.94 -11.91 -16.87
C VAL B 433 -14.09 -12.88 -17.13
N GLY B 434 -14.51 -12.99 -18.39
CA GLY B 434 -15.63 -13.83 -18.75
C GLY B 434 -15.39 -15.31 -18.52
N ILE B 435 -14.30 -15.82 -19.07
CA ILE B 435 -13.94 -17.23 -18.91
C ILE B 435 -13.59 -17.54 -17.46
N GLY B 436 -12.89 -16.63 -16.81
CA GLY B 436 -12.54 -16.78 -15.41
C GLY B 436 -13.77 -16.95 -14.54
N ALA B 437 -14.82 -16.19 -14.85
CA ALA B 437 -16.06 -16.24 -14.08
C ALA B 437 -16.76 -17.59 -14.22
N VAL B 438 -16.78 -18.13 -15.44
CA VAL B 438 -17.40 -19.43 -15.69
C VAL B 438 -16.71 -20.52 -14.87
N LYS B 439 -15.39 -20.51 -14.89
CA LYS B 439 -14.61 -21.52 -14.17
C LYS B 439 -14.66 -21.30 -12.66
N TYR B 440 -14.56 -20.04 -12.23
CA TYR B 440 -14.44 -19.74 -10.81
C TYR B 440 -15.74 -19.96 -10.03
N ALA B 441 -16.87 -19.62 -10.64
CA ALA B 441 -18.17 -19.80 -10.00
C ALA B 441 -18.41 -21.27 -9.70
N ASP B 442 -17.94 -22.12 -10.60
CA ASP B 442 -17.95 -23.57 -10.40
C ASP B 442 -16.98 -23.97 -9.29
N LEU B 443 -15.72 -23.56 -9.45
CA LEU B 443 -14.64 -23.99 -8.57
C LEU B 443 -14.78 -23.50 -7.14
N SER B 444 -15.41 -22.35 -6.94
CA SER B 444 -15.50 -21.75 -5.62
C SER B 444 -16.55 -22.42 -4.74
N LYS B 445 -17.32 -23.33 -5.31
CA LYS B 445 -18.36 -24.05 -4.59
C LYS B 445 -17.98 -25.51 -4.44
N ASN B 446 -18.28 -26.08 -3.26
CA ASN B 446 -17.99 -27.48 -2.98
C ASN B 446 -18.48 -28.39 -4.09
N ARG B 447 -17.58 -29.28 -4.55
CA ARG B 447 -17.86 -30.27 -5.59
C ARG B 447 -19.25 -30.90 -5.51
N THR B 448 -19.52 -31.50 -4.36
CA THR B 448 -20.70 -32.35 -4.17
C THR B 448 -22.03 -31.61 -4.31
N THR B 449 -22.04 -30.33 -3.96
CA THR B 449 -23.26 -29.54 -3.92
C THR B 449 -23.82 -29.29 -5.32
N ASP B 450 -25.15 -29.30 -5.44
CA ASP B 450 -25.81 -28.85 -6.65
C ASP B 450 -25.50 -27.37 -6.88
N TYR B 451 -25.24 -27.00 -8.13
CA TYR B 451 -24.73 -25.67 -8.45
C TYR B 451 -25.72 -24.87 -9.27
N ILE B 452 -26.24 -23.79 -8.67
CA ILE B 452 -27.18 -22.91 -9.35
C ILE B 452 -26.45 -21.82 -10.13
N PHE B 453 -26.51 -21.91 -11.46
CA PHE B 453 -25.79 -20.98 -12.32
C PHE B 453 -26.42 -19.58 -12.25
N ASP B 454 -25.59 -18.55 -12.13
CA ASP B 454 -26.08 -17.18 -12.00
C ASP B 454 -25.12 -16.20 -12.62
N TRP B 455 -25.58 -15.50 -13.66
CA TRP B 455 -24.74 -14.54 -14.39
C TRP B 455 -24.32 -13.34 -13.54
N ASP B 456 -25.26 -12.79 -12.77
CA ASP B 456 -25.00 -11.58 -12.00
C ASP B 456 -24.01 -11.83 -10.86
N ASN B 457 -24.18 -12.94 -10.16
CA ASN B 457 -23.31 -13.27 -9.04
C ASN B 457 -21.88 -13.58 -9.48
N MET B 458 -21.75 -14.32 -10.58
CA MET B 458 -20.43 -14.76 -11.04
C MET B 458 -19.60 -13.62 -11.66
N LEU B 459 -20.28 -12.57 -12.12
CA LEU B 459 -19.61 -11.46 -12.79
C LEU B 459 -19.53 -10.20 -11.93
N ALA B 460 -19.85 -10.34 -10.65
CA ALA B 460 -19.80 -9.20 -9.74
C ALA B 460 -18.40 -8.96 -9.21
N PHE B 461 -18.08 -7.71 -8.91
CA PHE B 461 -16.79 -7.36 -8.34
C PHE B 461 -16.82 -7.38 -6.82
N GLU B 462 -17.94 -7.85 -6.27
CA GLU B 462 -18.07 -8.03 -4.83
C GLU B 462 -18.14 -9.53 -4.54
N GLY B 463 -17.55 -9.95 -3.43
CA GLY B 463 -17.61 -11.35 -3.01
C GLY B 463 -16.59 -12.23 -3.70
N ASN B 464 -16.64 -13.52 -3.40
CA ASN B 464 -15.66 -14.47 -3.92
C ASN B 464 -15.88 -14.81 -5.39
N THR B 465 -15.50 -13.89 -6.27
CA THR B 465 -15.63 -14.10 -7.71
C THR B 465 -14.30 -13.94 -8.41
N ALA B 466 -14.21 -14.45 -9.63
CA ALA B 466 -13.00 -14.25 -10.45
C ALA B 466 -12.68 -12.77 -10.73
N PRO B 467 -13.69 -11.96 -11.11
CA PRO B 467 -13.37 -10.54 -11.33
C PRO B 467 -12.83 -9.86 -10.08
N TYR B 468 -13.35 -10.22 -8.90
CA TYR B 468 -12.84 -9.65 -7.66
C TYR B 468 -11.39 -10.02 -7.42
N MET B 469 -11.08 -11.31 -7.56
CA MET B 469 -9.72 -11.80 -7.34
C MET B 469 -8.76 -11.24 -8.39
N GLN B 470 -9.24 -11.13 -9.62
CA GLN B 470 -8.43 -10.56 -10.69
C GLN B 470 -8.17 -9.07 -10.44
N TYR B 471 -9.19 -8.35 -9.99
CA TYR B 471 -9.03 -6.94 -9.66
C TYR B 471 -8.14 -6.77 -8.42
N ALA B 472 -8.37 -7.60 -7.41
CA ALA B 472 -7.55 -7.58 -6.21
C ALA B 472 -6.08 -7.81 -6.56
N TYR B 473 -5.83 -8.66 -7.54
CA TYR B 473 -4.48 -8.91 -8.02
C TYR B 473 -3.83 -7.67 -8.65
N THR B 474 -4.62 -6.91 -9.41
CA THR B 474 -4.08 -5.72 -10.06
C THR B 474 -3.72 -4.62 -9.05
N ARG B 475 -4.43 -4.60 -7.93
CA ARG B 475 -4.14 -3.62 -6.88
C ARG B 475 -2.88 -3.98 -6.10
N VAL B 476 -2.63 -5.27 -5.95
CA VAL B 476 -1.40 -5.74 -5.32
C VAL B 476 -0.21 -5.37 -6.20
N LEU B 477 -0.39 -5.52 -7.52
CA LEU B 477 0.66 -5.17 -8.48
C LEU B 477 0.94 -3.68 -8.52
N SER B 478 -0.11 -2.86 -8.40
CA SER B 478 0.03 -1.41 -8.58
C SER B 478 0.74 -0.72 -7.41
N VAL B 479 0.84 -1.41 -6.28
CA VAL B 479 1.59 -0.86 -5.15
C VAL B 479 3.08 -1.15 -5.31
N PHE B 480 3.40 -2.17 -6.10
CA PHE B 480 4.79 -2.53 -6.35
C PHE B 480 5.26 -1.87 -7.64
N ARG B 481 5.73 -0.63 -7.53
CA ARG B 481 6.12 0.14 -8.71
C ARG B 481 7.63 0.13 -8.94
N LYS B 482 8.05 -0.67 -9.91
CA LYS B 482 9.47 -0.90 -10.21
C LYS B 482 10.25 0.38 -10.48
N ALA B 483 9.60 1.37 -11.09
CA ALA B 483 10.26 2.63 -11.43
C ALA B 483 10.61 3.45 -10.19
N GLU B 484 9.96 3.15 -9.07
CA GLU B 484 10.17 3.90 -7.84
C GLU B 484 10.84 3.06 -6.75
N ILE B 485 11.27 1.86 -7.11
CA ILE B 485 11.88 0.96 -6.15
C ILE B 485 13.31 0.60 -6.56
N ASP B 486 14.24 0.75 -5.62
CA ASP B 486 15.61 0.28 -5.81
C ASP B 486 15.57 -1.24 -5.73
N GLU B 487 15.63 -1.89 -6.89
CA GLU B 487 15.47 -3.34 -6.97
C GLU B 487 16.54 -4.11 -6.18
N GLU B 488 17.79 -3.71 -6.35
CA GLU B 488 18.90 -4.36 -5.68
C GLU B 488 18.78 -4.27 -4.16
N GLN B 489 18.55 -3.05 -3.66
CA GLN B 489 18.42 -2.81 -2.23
C GLN B 489 17.27 -3.60 -1.61
N LEU B 490 16.14 -3.63 -2.32
CA LEU B 490 14.96 -4.34 -1.84
C LEU B 490 15.23 -5.84 -1.71
N ALA B 491 15.90 -6.42 -2.71
CA ALA B 491 16.21 -7.84 -2.72
C ALA B 491 17.06 -8.25 -1.53
N ALA B 492 18.03 -7.41 -1.18
CA ALA B 492 18.94 -7.69 -0.08
C ALA B 492 18.33 -7.37 1.28
N ALA B 493 17.38 -6.44 1.31
CA ALA B 493 16.74 -6.01 2.55
C ALA B 493 15.97 -7.15 3.21
N PRO B 494 15.89 -7.14 4.56
CA PRO B 494 15.18 -8.19 5.27
C PRO B 494 13.69 -7.88 5.43
N VAL B 495 12.91 -8.89 5.79
CA VAL B 495 11.53 -8.67 6.19
C VAL B 495 11.51 -8.53 7.72
N ILE B 496 10.87 -7.48 8.21
CA ILE B 496 10.74 -7.25 9.64
C ILE B 496 9.29 -7.05 10.03
N ILE B 497 8.72 -8.01 10.74
CA ILE B 497 7.32 -7.95 11.14
C ILE B 497 7.16 -7.33 12.52
N ARG B 498 6.47 -6.20 12.59
CA ARG B 498 6.31 -5.47 13.84
C ARG B 498 4.85 -5.28 14.25
N GLU B 499 3.93 -5.53 13.33
CA GLU B 499 2.51 -5.32 13.59
C GLU B 499 1.68 -6.58 13.38
N ASP B 500 0.54 -6.65 14.06
CA ASP B 500 -0.36 -7.80 13.97
C ASP B 500 -0.82 -8.05 12.54
N ARG B 501 -1.25 -6.99 11.84
CA ARG B 501 -1.74 -7.14 10.48
C ARG B 501 -0.68 -7.65 9.51
N GLU B 502 0.57 -7.22 9.70
CA GLU B 502 1.68 -7.75 8.92
C GLU B 502 1.86 -9.24 9.23
N ALA B 503 1.78 -9.57 10.52
CA ALA B 503 1.96 -10.94 10.99
C ALA B 503 0.85 -11.87 10.54
N GLN B 504 -0.38 -11.37 10.49
CA GLN B 504 -1.51 -12.15 10.01
C GLN B 504 -1.34 -12.47 8.52
N LEU B 505 -1.04 -11.44 7.73
CA LEU B 505 -0.82 -11.61 6.30
C LEU B 505 0.32 -12.58 6.01
N ALA B 506 1.45 -12.38 6.69
CA ALA B 506 2.60 -13.25 6.53
C ALA B 506 2.25 -14.72 6.82
N ALA B 507 1.62 -14.96 7.95
CA ALA B 507 1.22 -16.31 8.35
C ALA B 507 0.30 -16.94 7.30
N ARG B 508 -0.64 -16.14 6.79
CA ARG B 508 -1.58 -16.59 5.78
C ARG B 508 -0.86 -16.93 4.47
N LEU B 509 0.12 -16.11 4.12
CA LEU B 509 0.93 -16.34 2.91
C LEU B 509 1.68 -17.67 2.98
N LEU B 510 2.10 -18.04 4.19
CA LEU B 510 2.90 -19.24 4.39
C LEU B 510 2.03 -20.48 4.54
N GLN B 511 0.71 -20.28 4.51
CA GLN B 511 -0.25 -21.38 4.61
C GLN B 511 -0.72 -21.82 3.24
N PHE B 512 -0.07 -21.30 2.21
CA PHE B 512 -0.36 -21.66 0.83
C PHE B 512 -0.13 -23.16 0.59
N GLU B 513 1.02 -23.65 1.06
CA GLU B 513 1.37 -25.05 0.86
C GLU B 513 0.36 -26.02 1.48
N GLU B 514 -0.02 -25.78 2.73
CA GLU B 514 -0.96 -26.67 3.40
C GLU B 514 -2.37 -26.57 2.80
N THR B 515 -2.64 -25.47 2.10
CA THR B 515 -3.87 -25.35 1.33
C THR B 515 -3.80 -26.28 0.13
N LEU B 516 -2.66 -26.30 -0.53
CA LEU B 516 -2.43 -27.18 -1.68
C LEU B 516 -2.55 -28.64 -1.28
N THR B 517 -2.01 -28.97 -0.10
CA THR B 517 -2.03 -30.33 0.42
C THR B 517 -3.45 -30.87 0.54
N VAL B 518 -4.36 -30.01 1.00
CA VAL B 518 -5.76 -30.42 1.15
C VAL B 518 -6.42 -30.61 -0.20
N VAL B 519 -6.22 -29.67 -1.12
CA VAL B 519 -6.80 -29.75 -2.44
C VAL B 519 -6.31 -30.99 -3.17
N ALA B 520 -5.02 -31.30 -3.02
CA ALA B 520 -4.42 -32.47 -3.66
C ALA B 520 -4.94 -33.77 -3.05
N ARG B 521 -5.18 -33.78 -1.75
CA ARG B 521 -5.63 -34.98 -1.06
C ARG B 521 -7.12 -35.23 -1.29
N GLU B 522 -7.92 -34.18 -1.21
CA GLU B 522 -9.37 -34.32 -1.26
C GLU B 522 -9.96 -34.11 -2.65
N GLY B 523 -9.23 -33.38 -3.50
CA GLY B 523 -9.73 -33.02 -4.81
C GLY B 523 -10.82 -31.96 -4.71
N THR B 524 -10.61 -31.02 -3.80
CA THR B 524 -11.62 -29.99 -3.52
C THR B 524 -11.05 -28.59 -3.74
N PRO B 525 -11.12 -28.10 -4.99
CA PRO B 525 -10.61 -26.78 -5.36
C PRO B 525 -11.27 -25.61 -4.62
N HIS B 526 -12.46 -25.82 -4.06
CA HIS B 526 -13.15 -24.74 -3.36
C HIS B 526 -12.38 -24.26 -2.14
N VAL B 527 -11.45 -25.09 -1.67
CA VAL B 527 -10.58 -24.75 -0.55
C VAL B 527 -9.57 -23.68 -0.95
N MET B 528 -9.04 -23.75 -2.17
CA MET B 528 -8.09 -22.77 -2.65
C MET B 528 -8.76 -21.43 -2.92
N CYS B 529 -9.99 -21.48 -3.44
CA CYS B 529 -10.76 -20.26 -3.67
C CYS B 529 -11.03 -19.54 -2.37
N ALA B 530 -11.39 -20.31 -1.33
CA ALA B 530 -11.64 -19.74 -0.01
C ALA B 530 -10.36 -19.11 0.55
N TYR B 531 -9.24 -19.77 0.34
CA TYR B 531 -7.95 -19.29 0.79
C TYR B 531 -7.56 -17.99 0.09
N LEU B 532 -7.60 -18.02 -1.24
CA LEU B 532 -7.25 -16.85 -2.05
C LEU B 532 -8.13 -15.64 -1.72
N TYR B 533 -9.41 -15.88 -1.51
CA TYR B 533 -10.34 -14.81 -1.15
C TYR B 533 -10.00 -14.26 0.24
N ASP B 534 -9.56 -15.16 1.11
CA ASP B 534 -9.19 -14.78 2.47
C ASP B 534 -7.86 -14.03 2.44
N LEU B 535 -6.97 -14.46 1.54
CA LEU B 535 -5.68 -13.79 1.37
C LEU B 535 -5.87 -12.37 0.84
N ALA B 536 -6.83 -12.20 -0.06
CA ALA B 536 -7.15 -10.88 -0.61
C ALA B 536 -7.65 -9.96 0.48
N GLY B 537 -8.51 -10.47 1.35
CA GLY B 537 -9.05 -9.71 2.45
C GLY B 537 -7.97 -9.16 3.37
N LEU B 538 -7.02 -10.02 3.74
CA LEU B 538 -5.96 -9.64 4.65
C LEU B 538 -5.05 -8.57 4.03
N PHE B 539 -4.80 -8.68 2.73
CA PHE B 539 -3.97 -7.68 2.05
C PHE B 539 -4.61 -6.29 2.07
N SER B 540 -5.91 -6.22 1.76
CA SER B 540 -6.59 -4.93 1.73
C SER B 540 -6.64 -4.31 3.11
N GLY B 541 -6.82 -5.13 4.14
CA GLY B 541 -6.74 -4.67 5.52
C GLY B 541 -5.33 -4.18 5.81
N PHE B 542 -4.34 -4.91 5.31
CA PHE B 542 -2.94 -4.53 5.44
C PHE B 542 -2.65 -3.25 4.65
N TYR B 543 -3.26 -3.14 3.47
CA TYR B 543 -3.01 -2.01 2.59
C TYR B 543 -3.55 -0.68 3.14
N GLU B 544 -4.72 -0.73 3.77
CA GLU B 544 -5.35 0.51 4.21
C GLU B 544 -4.94 0.93 5.63
N HIS B 545 -4.19 0.09 6.32
CA HIS B 545 -3.73 0.42 7.66
C HIS B 545 -2.22 0.65 7.70
N CYS B 546 -1.51 0.08 6.74
CA CYS B 546 -0.05 0.16 6.73
C CYS B 546 0.48 0.77 5.44
N PRO B 547 1.05 1.98 5.53
CA PRO B 547 1.69 2.66 4.40
C PRO B 547 2.79 1.80 3.80
N ILE B 548 2.78 1.65 2.48
CA ILE B 548 3.74 0.78 1.81
C ILE B 548 4.81 1.59 1.07
N LEU B 549 4.42 2.23 -0.03
CA LEU B 549 5.31 3.13 -0.74
C LEU B 549 5.55 4.40 0.07
N SER B 550 4.58 4.74 0.90
CA SER B 550 4.65 5.97 1.69
C SER B 550 5.09 5.72 3.13
N ALA B 551 5.66 4.55 3.39
CA ALA B 551 6.20 4.24 4.71
C ALA B 551 7.32 5.22 5.05
N GLU B 552 7.39 5.60 6.32
CA GLU B 552 8.33 6.65 6.74
C GLU B 552 9.81 6.27 6.61
N ASN B 553 10.19 5.09 7.06
CA ASN B 553 11.57 4.65 6.89
C ASN B 553 11.75 3.51 5.88
N GLU B 554 12.94 3.41 5.32
CA GLU B 554 13.24 2.46 4.27
C GLU B 554 13.11 1.01 4.70
N GLU B 555 13.49 0.73 5.96
CA GLU B 555 13.39 -0.62 6.49
C GLU B 555 11.96 -1.13 6.43
N VAL B 556 11.03 -0.28 6.84
CA VAL B 556 9.61 -0.62 6.82
C VAL B 556 9.07 -0.66 5.40
N ARG B 557 9.50 0.30 4.58
CA ARG B 557 9.09 0.37 3.18
C ARG B 557 9.49 -0.90 2.44
N ASN B 558 10.76 -1.26 2.56
CA ASN B 558 11.27 -2.47 1.94
C ASN B 558 10.59 -3.73 2.45
N SER B 559 10.37 -3.79 3.76
CA SER B 559 9.72 -4.95 4.37
C SER B 559 8.30 -5.15 3.86
N ARG B 560 7.52 -4.06 3.80
CA ARG B 560 6.14 -4.14 3.35
C ARG B 560 6.02 -4.33 1.84
N LEU B 561 7.01 -3.87 1.09
CA LEU B 561 7.03 -4.11 -0.35
C LEU B 561 7.27 -5.59 -0.64
N LYS B 562 8.10 -6.23 0.16
CA LYS B 562 8.35 -7.66 0.01
C LYS B 562 7.10 -8.47 0.32
N LEU B 563 6.37 -8.05 1.35
CA LEU B 563 5.10 -8.68 1.71
C LEU B 563 4.08 -8.55 0.59
N ALA B 564 4.07 -7.41 -0.08
CA ALA B 564 3.18 -7.20 -1.21
C ALA B 564 3.65 -8.00 -2.40
N GLN B 565 4.96 -8.20 -2.50
CA GLN B 565 5.56 -8.96 -3.58
C GLN B 565 5.21 -10.45 -3.46
N LEU B 566 5.20 -10.97 -2.23
CA LEU B 566 4.84 -12.36 -1.99
C LEU B 566 3.34 -12.55 -2.14
N THR B 567 2.56 -11.53 -1.79
CA THR B 567 1.12 -11.58 -1.96
C THR B 567 0.78 -11.72 -3.44
N ALA B 568 1.42 -10.90 -4.28
CA ALA B 568 1.22 -10.97 -5.72
C ALA B 568 1.57 -12.35 -6.27
N LYS B 569 2.74 -12.85 -5.92
CA LYS B 569 3.21 -14.15 -6.40
C LYS B 569 2.30 -15.28 -5.97
N THR B 570 1.84 -15.23 -4.72
CA THR B 570 0.97 -16.28 -4.17
C THR B 570 -0.40 -16.26 -4.84
N LEU B 571 -0.98 -15.07 -4.99
CA LEU B 571 -2.26 -14.92 -5.66
C LEU B 571 -2.20 -15.42 -7.09
N LYS B 572 -1.13 -15.05 -7.80
CA LYS B 572 -0.94 -15.46 -9.19
C LYS B 572 -0.78 -16.98 -9.30
N LEU B 573 -0.02 -17.54 -8.38
CA LEU B 573 0.26 -18.97 -8.41
C LEU B 573 -0.99 -19.79 -8.05
N GLY B 574 -1.74 -19.32 -7.05
CA GLY B 574 -2.95 -19.99 -6.63
C GLY B 574 -4.03 -19.97 -7.70
N LEU B 575 -4.15 -18.84 -8.38
CA LEU B 575 -5.12 -18.70 -9.46
C LEU B 575 -4.76 -19.58 -10.67
N ASP B 576 -3.46 -19.78 -10.89
CA ASP B 576 -3.01 -20.59 -12.02
C ASP B 576 -3.27 -22.08 -11.78
N THR B 577 -3.37 -22.48 -10.52
CA THR B 577 -3.72 -23.86 -10.20
C THR B 577 -5.21 -24.10 -10.38
N LEU B 578 -5.98 -23.01 -10.46
CA LEU B 578 -7.40 -23.08 -10.71
C LEU B 578 -7.69 -22.93 -12.20
N GLY B 579 -6.67 -22.52 -12.95
CA GLY B 579 -6.83 -22.30 -14.37
C GLY B 579 -7.39 -20.91 -14.67
N ILE B 580 -7.32 -20.04 -13.67
CA ILE B 580 -7.80 -18.66 -13.82
C ILE B 580 -6.63 -17.74 -14.19
N GLU B 581 -6.75 -17.07 -15.34
CA GLU B 581 -5.67 -16.20 -15.79
C GLU B 581 -5.82 -14.78 -15.26
N THR B 582 -4.70 -14.10 -15.07
CA THR B 582 -4.69 -12.74 -14.56
C THR B 582 -4.31 -11.74 -15.66
N VAL B 583 -4.62 -10.47 -15.41
CA VAL B 583 -4.12 -9.39 -16.25
C VAL B 583 -3.32 -8.46 -15.35
N GLU B 584 -2.48 -7.61 -15.93
CA GLU B 584 -1.63 -6.75 -15.11
C GLU B 584 -2.34 -5.51 -14.58
N ARG B 585 -3.27 -4.96 -15.36
CA ARG B 585 -4.06 -3.82 -14.91
C ARG B 585 -5.49 -3.86 -15.42
N MET B 586 -6.34 -3.04 -14.81
CA MET B 586 -7.77 -3.09 -15.06
C MET B 586 -8.42 -1.73 -14.78
N ARG C . 15.55 38.14 15.47
CA ARG C . 15.20 39.31 16.28
C ARG C . 14.55 40.39 15.43
O ARG C . 13.37 40.70 15.61
CB ARG C . 16.46 39.86 16.97
CG ARG C . 17.74 39.10 16.62
CD ARG C . 18.38 38.48 17.85
NE ARG C . 19.28 37.38 17.50
CZ ARG C . 20.61 37.50 17.41
NH1 ARG C . 21.34 36.45 17.09
NH2 ARG C . 21.20 38.67 17.65
OXT ARG C . 15.18 40.98 14.55
N ARG D . -17.69 -42.37 -22.21
CA ARG D . -18.29 -41.76 -21.02
C ARG D . -18.98 -40.45 -21.38
O ARG D . -19.80 -39.93 -20.61
CB ARG D . -17.20 -41.52 -19.96
CG ARG D . -17.75 -41.17 -18.59
CD ARG D . -16.64 -40.76 -17.62
NE ARG D . -15.48 -41.64 -17.68
CZ ARG D . -15.45 -42.87 -17.18
NH1 ARG D . -14.34 -43.60 -17.27
NH2 ARG D . -16.52 -43.39 -16.58
OXT ARG D . -18.75 -39.88 -22.45
#